data_2YPF
#
_entry.id   2YPF
#
_cell.length_a   151.110
_cell.length_b   100.250
_cell.length_c   61.370
_cell.angle_alpha   90.00
_cell.angle_beta   102.55
_cell.angle_gamma   90.00
#
_symmetry.space_group_name_H-M   'C 1 2 1'
#
loop_
_entity.id
_entity.type
_entity.pdbx_description
1 polymer AVRBS3
2 polymer "5'-D(*TP*TP*TP*AP*TP*AP*TP*AP*AP*AP*CP*CP*TP*AP *AP*CP*CP*CP*TP*CP*TP*AP)-3'"
3 polymer "5'-D(*TP*AP*GP*AP*GP*GP*GP*TP*TP*AP*GP*GP*TP*TP *TP*AP*TP*AP*TP*AP*AP)-3'"
4 water water
#
loop_
_entity_poly.entity_id
_entity_poly.type
_entity_poly.pdbx_seq_one_letter_code
_entity_poly.pdbx_strand_id
1 'polypeptide(L)'
;VDLRTLAYSQQQQEKIKPKVRSTVAQHHEALVAHAFTHAHIVALSQHPAALATVAVKYQDMIAALPEATHEAIVAVAKQW
SGARALEALLTVAGELRGPPLQLDTGQLLKIAKRGGVTAVEAVHAWRNALTGAPLNLTPEQVVAIASHDGGKQALETVQR
LLPVLCQAHGLTPQQVVAIASNGGGKQALETVQRLLPVLCQAHGLTPEQVVAIASNIGGKQALETVQALLPVLCQAHGLT
PQQVVAIASNGGGKQALETVQRLLPVLCQAHGLTPEQVVAIASNIGGKQALETVQALLPVLCQAHGLTPEQVVAIASNIG
GKQALETVQALLPVLCQAHGLTPEQVVAIASNIGGKQALETVQALLPVLCQAHGLTPEQVVAIASHDGGKQALETVQRLL
PVLCQAHGLTPEQVVAIASHDGGKQALETVQRLLPVLCQAHGLTPQQVVAIASNGGGKQALETVQRLLPVLCQAHGLTPE
QVVAIASNIGGKQALETVQALLPVLCQAHGLTPEQVVAIASNIGGKQALETVQALLPVLCQAHGLTPEQVVAIASHDGGK
QALETVQRLLPVLCQAHGLTPEQVVAIASHDGGKQALETVQRLLPVLCQAHGLTPEQVVAIASHDGGKQALETVQRLLPV
LCQAHGLTPQQVVAIASNGGGKQALETVQRLLPVLCQAAGLTPEQVVAIASHDGGKQALETVQRLLPVLCQAHGLTPQQV
VAIASNGGGRPALESIVAQLSRPDPGSSAALEHHHHHH
;
A
2 'polydeoxyribonucleotide'
;(DT)(DT)(DT)(DA)(DT)(DA)(DT)(DA)(DA)(DA)(DC)(DC)(DT)(DA)(DA)(DC)(DC)(DC)(DT)(DC)
(DT)(DA)
;
B
3 'polydeoxyribonucleotide'
;(DT)(DA)(DG)(DA)(DG)(DG)(DG)(DT)(DT)(DA)(DG)(DG)(DT)(DT)(DT)(DA)(DT)(DA)(DT)(DA)
(DA)
;
C
#
# COMPACT_ATOMS: atom_id res chain seq x y z
N ALA A 35 45.14 14.96 17.92
CA ALA A 35 44.33 15.34 16.73
C ALA A 35 45.15 15.04 15.48
N PHE A 36 45.30 13.76 15.17
CA PHE A 36 46.04 13.33 13.99
C PHE A 36 45.26 13.62 12.69
N THR A 37 45.98 13.58 11.56
CA THR A 37 45.42 13.85 10.24
C THR A 37 44.77 12.61 9.65
N HIS A 38 44.14 12.78 8.48
CA HIS A 38 43.41 11.69 7.84
C HIS A 38 44.24 10.40 7.90
N ALA A 39 45.45 10.41 7.32
CA ALA A 39 46.33 9.23 7.29
C ALA A 39 45.63 8.00 6.67
N HIS A 40 44.42 7.71 7.14
CA HIS A 40 43.62 6.60 6.65
C HIS A 40 42.26 7.11 6.17
N ILE A 41 41.89 6.74 4.96
CA ILE A 41 40.58 7.06 4.39
C ILE A 41 40.14 8.57 4.42
N VAL A 42 38.78 8.77 4.46
CA VAL A 42 38.20 10.12 4.30
C VAL A 42 38.27 11.03 5.54
N ALA A 43 37.79 12.27 5.40
CA ALA A 43 37.87 13.30 6.44
C ALA A 43 36.52 13.71 7.03
N LEU A 44 34.33 14.16 10.96
CA LEU A 44 34.58 14.73 12.28
C LEU A 44 34.89 13.67 13.31
N SER A 45 36.80 10.47 21.67
CA SER A 45 36.81 9.01 21.81
C SER A 45 37.70 8.29 20.80
N GLN A 46 38.73 9.00 20.31
CA GLN A 46 39.52 8.60 19.12
C GLN A 46 40.57 7.49 19.29
N HIS A 47 41.36 7.29 18.24
CA HIS A 47 42.33 6.20 18.08
C HIS A 47 41.62 5.02 17.39
N PRO A 48 40.98 5.27 16.25
CA PRO A 48 40.51 4.17 15.42
C PRO A 48 41.64 3.14 15.20
N ALA A 49 42.83 3.63 14.80
CA ALA A 49 44.00 2.78 14.48
C ALA A 49 44.68 2.22 15.73
N ALA A 50 44.68 0.89 15.99
CA ALA A 50 44.16 -0.25 15.14
C ALA A 50 43.62 -0.07 13.69
N LEU A 51 44.47 -0.37 12.72
CA LEU A 51 44.07 -0.30 11.31
C LEU A 51 43.73 -1.67 10.72
N ALA A 52 43.89 -2.70 11.55
CA ALA A 52 43.62 -4.06 11.12
C ALA A 52 42.35 -4.03 10.26
N THR A 53 42.52 -4.43 9.01
CA THR A 53 41.44 -4.37 8.05
C THR A 53 41.06 -5.76 7.50
N VAL A 54 40.28 -6.50 8.26
CA VAL A 54 39.80 -7.81 7.80
C VAL A 54 38.29 -7.72 7.63
N ALA A 55 37.84 -7.73 6.38
CA ALA A 55 36.40 -7.69 6.06
C ALA A 55 35.80 -6.26 6.05
N VAL A 56 36.36 -5.40 5.16
CA VAL A 56 36.04 -3.95 5.25
C VAL A 56 34.71 -3.46 4.61
N LYS A 57 34.41 -2.18 4.86
CA LYS A 57 33.20 -1.45 4.37
C LYS A 57 33.54 0.08 4.30
N TYR A 58 32.53 0.96 4.37
CA TYR A 58 32.79 2.42 4.45
C TYR A 58 32.38 3.12 5.77
N GLN A 59 33.22 4.06 6.23
CA GLN A 59 32.96 4.91 7.42
C GLN A 59 32.86 4.16 8.80
N ASP A 60 32.30 4.79 9.85
CA ASP A 60 32.44 4.25 11.22
C ASP A 60 31.35 4.64 12.27
N MET A 61 31.50 4.13 13.50
CA MET A 61 30.47 4.15 14.57
C MET A 61 30.78 4.85 15.93
N ILE A 62 29.71 5.19 16.66
CA ILE A 62 29.73 5.97 17.92
C ILE A 62 29.35 5.18 19.21
N ALA A 63 29.68 3.90 19.24
CA ALA A 63 29.33 3.05 20.37
C ALA A 63 30.51 2.18 20.70
N ALA A 64 31.53 2.23 19.85
CA ALA A 64 32.72 1.42 19.98
C ALA A 64 33.69 2.03 20.99
N LEU A 65 34.28 1.24 21.90
CA LEU A 65 34.05 -0.21 22.09
C LEU A 65 34.64 -1.15 21.08
N PRO A 66 35.88 -0.90 20.63
CA PRO A 66 36.64 -1.82 19.70
C PRO A 66 36.63 -3.32 20.00
N GLU A 67 35.98 -4.11 19.15
CA GLU A 67 35.91 -5.56 19.40
C GLU A 67 35.83 -6.40 18.15
N ALA A 68 36.90 -6.39 17.37
CA ALA A 68 37.01 -7.28 16.19
C ALA A 68 38.49 -7.59 15.93
N THR A 69 39.00 -8.80 16.23
CA THR A 69 38.41 -9.94 17.01
C THR A 69 37.21 -10.72 16.48
N HIS A 70 36.98 -10.66 15.16
CA HIS A 70 35.79 -11.24 14.52
C HIS A 70 36.10 -12.42 13.58
N GLU A 71 35.08 -13.24 13.38
CA GLU A 71 35.12 -14.37 12.46
C GLU A 71 33.81 -14.38 11.70
N ALA A 72 33.90 -14.67 10.40
CA ALA A 72 32.76 -14.51 9.50
C ALA A 72 31.75 -15.66 9.63
N ILE A 73 30.77 -15.50 10.54
CA ILE A 73 29.53 -16.36 10.57
C ILE A 73 28.43 -15.80 9.65
N VAL A 74 28.60 -14.51 9.35
CA VAL A 74 27.61 -13.63 8.73
C VAL A 74 28.31 -12.71 7.71
N ALA A 75 27.55 -11.85 7.04
CA ALA A 75 28.08 -10.97 5.98
C ALA A 75 28.63 -9.65 6.53
N VAL A 76 29.23 -8.81 5.67
CA VAL A 76 29.69 -7.49 6.11
C VAL A 76 28.63 -6.65 6.86
N ALA A 77 27.39 -7.14 6.98
CA ALA A 77 26.39 -6.47 7.84
C ALA A 77 26.68 -6.69 9.33
N LYS A 78 27.82 -7.30 9.65
CA LYS A 78 28.31 -7.30 11.04
C LYS A 78 28.29 -5.88 11.64
N GLN A 79 28.32 -4.86 10.77
CA GLN A 79 28.36 -3.44 11.18
C GLN A 79 27.01 -3.03 11.74
N TRP A 80 25.99 -3.76 11.33
CA TRP A 80 24.61 -3.65 11.80
C TRP A 80 24.43 -3.89 13.29
N SER A 81 24.80 -5.06 13.77
CA SER A 81 24.80 -5.32 15.23
C SER A 81 25.82 -4.45 16.04
N GLY A 82 26.84 -3.91 15.37
CA GLY A 82 27.85 -3.04 16.03
C GLY A 82 27.30 -1.64 16.21
N ALA A 83 26.51 -1.21 15.21
CA ALA A 83 25.66 0.00 15.29
C ALA A 83 24.72 -0.02 16.53
N ARG A 84 25.36 0.12 17.71
CA ARG A 84 24.86 -0.36 19.04
C ARG A 84 24.15 -1.79 19.01
N ALA A 85 24.55 -2.72 19.92
CA ALA A 85 25.45 -2.47 21.09
C ALA A 85 26.68 -3.41 21.30
N LEU A 86 26.75 -4.05 22.49
CA LEU A 86 27.95 -4.79 22.98
C LEU A 86 28.43 -5.78 21.97
N GLU A 87 27.51 -6.19 21.09
CA GLU A 87 27.80 -7.00 19.91
C GLU A 87 28.70 -8.19 20.17
N ALA A 88 28.69 -8.71 21.40
CA ALA A 88 29.48 -9.88 21.75
C ALA A 88 28.62 -11.12 21.75
N LEU A 89 27.68 -11.20 20.79
CA LEU A 89 26.76 -12.36 20.68
C LEU A 89 27.44 -13.57 20.09
N LEU A 90 28.69 -13.38 19.67
CA LEU A 90 29.51 -14.47 19.22
C LEU A 90 29.33 -15.72 20.10
N THR A 91 28.91 -15.50 21.35
CA THR A 91 28.84 -16.59 22.37
C THR A 91 27.58 -17.50 22.43
N VAL A 92 26.42 -16.89 22.35
CA VAL A 92 25.16 -17.58 22.51
C VAL A 92 24.71 -18.12 21.11
N ALA A 93 25.53 -17.87 20.09
CA ALA A 93 25.25 -18.32 18.70
C ALA A 93 24.89 -19.80 18.49
N GLY A 94 25.74 -20.69 19.03
CA GLY A 94 25.48 -22.14 18.95
C GLY A 94 24.13 -22.48 19.57
N GLU A 95 24.06 -22.33 20.89
CA GLU A 95 22.82 -22.52 21.65
C GLU A 95 21.54 -21.96 20.98
N LEU A 96 21.70 -21.00 20.06
CA LEU A 96 20.59 -20.38 19.30
C LEU A 96 20.31 -21.06 17.93
N ARG A 97 21.32 -21.73 17.37
CA ARG A 97 21.05 -22.66 16.27
C ARG A 97 20.26 -23.89 16.79
N GLY A 98 20.40 -24.21 18.08
CA GLY A 98 19.77 -25.41 18.70
C GLY A 98 18.28 -25.32 19.00
N PRO A 99 17.82 -25.98 20.11
CA PRO A 99 16.41 -26.20 20.49
C PRO A 99 15.84 -25.23 21.53
N PRO A 100 14.50 -24.96 21.51
CA PRO A 100 13.49 -25.26 20.50
C PRO A 100 13.49 -24.14 19.48
N LEU A 101 14.65 -23.47 19.41
CA LEU A 101 14.82 -22.16 18.78
C LEU A 101 15.01 -22.24 17.25
N GLN A 102 16.11 -22.89 16.84
CA GLN A 102 16.50 -23.09 15.41
C GLN A 102 16.57 -21.84 14.54
N LEU A 103 17.31 -20.87 15.03
CA LEU A 103 17.29 -19.52 14.47
C LEU A 103 18.21 -19.34 13.30
N ASP A 104 17.72 -18.65 12.27
CA ASP A 104 18.49 -18.41 11.06
C ASP A 104 19.60 -17.42 11.31
N THR A 105 20.71 -17.60 10.61
CA THR A 105 21.81 -16.65 10.68
C THR A 105 21.31 -15.22 10.40
N GLY A 106 20.03 -15.09 10.01
CA GLY A 106 19.44 -13.80 9.65
C GLY A 106 18.52 -13.26 10.72
N GLN A 107 17.89 -14.18 11.47
CA GLN A 107 17.03 -13.80 12.57
C GLN A 107 17.86 -13.43 13.80
N LEU A 108 19.02 -14.09 13.98
CA LEU A 108 19.87 -13.78 15.15
C LEU A 108 20.34 -12.32 15.12
N LEU A 109 20.63 -11.80 13.95
CA LEU A 109 21.32 -10.54 13.88
C LEU A 109 20.32 -9.36 13.92
N LYS A 110 19.06 -9.70 13.68
CA LYS A 110 17.96 -8.77 13.76
C LYS A 110 17.60 -8.52 15.25
N ILE A 111 17.55 -9.59 16.05
CA ILE A 111 17.20 -9.51 17.49
C ILE A 111 18.15 -8.62 18.32
N ALA A 112 19.25 -8.22 17.70
CA ALA A 112 20.25 -7.37 18.31
C ALA A 112 20.50 -6.00 17.63
N LYS A 113 20.35 -4.91 18.39
CA LYS A 113 20.41 -3.55 17.80
C LYS A 113 20.52 -2.45 18.91
N ARG A 114 19.74 -2.62 19.97
CA ARG A 114 19.68 -1.68 21.07
C ARG A 114 18.74 -2.23 22.13
N GLY A 115 19.35 -2.77 23.19
CA GLY A 115 18.67 -3.70 24.07
C GLY A 115 18.79 -5.09 23.45
N GLY A 116 19.46 -5.16 22.32
CA GLY A 116 19.84 -6.42 21.70
C GLY A 116 20.48 -7.53 22.54
N VAL A 117 21.50 -7.16 23.35
CA VAL A 117 22.15 -8.11 24.28
C VAL A 117 21.16 -8.83 25.16
N THR A 118 20.25 -8.07 25.78
CA THR A 118 19.35 -8.61 26.78
C THR A 118 18.14 -9.14 26.04
N ALA A 119 17.94 -8.60 24.85
CA ALA A 119 17.01 -9.16 23.89
C ALA A 119 17.52 -10.53 23.40
N VAL A 120 18.78 -10.58 22.94
CA VAL A 120 19.43 -11.84 22.64
C VAL A 120 19.30 -12.81 23.84
N GLU A 121 19.75 -12.37 25.01
CA GLU A 121 19.68 -13.23 26.16
C GLU A 121 18.25 -13.65 26.46
N ALA A 122 17.30 -12.71 26.40
CA ALA A 122 15.95 -13.06 26.87
C ALA A 122 15.22 -14.05 25.93
N VAL A 123 15.66 -14.08 24.67
CA VAL A 123 15.11 -15.00 23.68
C VAL A 123 15.84 -16.32 23.83
N HIS A 124 17.17 -16.21 24.01
CA HIS A 124 18.04 -17.34 24.42
C HIS A 124 17.51 -18.02 25.66
N ALA A 125 17.42 -17.27 26.76
CA ALA A 125 17.09 -17.78 28.11
C ALA A 125 15.63 -18.21 28.28
N TRP A 126 14.70 -17.30 28.07
CA TRP A 126 13.33 -17.70 27.86
C TRP A 126 13.35 -18.46 26.54
N ARG A 127 13.44 -19.78 26.68
CA ARG A 127 13.81 -20.70 25.59
C ARG A 127 12.83 -21.85 25.63
N ASN A 128 13.08 -22.77 26.56
CA ASN A 128 12.26 -23.98 26.79
C ASN A 128 10.98 -23.68 27.55
N ALA A 129 11.01 -22.58 28.31
CA ALA A 129 9.81 -22.07 28.97
C ALA A 129 9.06 -21.24 27.93
N LEU A 130 9.39 -21.45 26.66
CA LEU A 130 8.75 -20.75 25.57
C LEU A 130 9.36 -21.10 24.21
N THR A 131 9.23 -20.16 23.27
CA THR A 131 9.65 -20.29 21.87
C THR A 131 8.80 -21.33 21.16
N GLY A 132 8.74 -22.52 21.75
CA GLY A 132 7.88 -23.60 21.27
C GLY A 132 6.41 -23.41 21.63
N ALA A 133 5.72 -24.55 21.75
CA ALA A 133 4.26 -24.54 21.82
C ALA A 133 3.63 -24.08 23.15
N PRO A 134 4.10 -24.60 24.31
CA PRO A 134 3.37 -24.30 25.56
C PRO A 134 3.40 -22.82 25.95
N LEU A 135 4.44 -22.14 25.48
CA LEU A 135 4.72 -20.72 25.78
C LEU A 135 5.34 -20.00 24.55
N ASN A 136 4.71 -20.09 23.37
CA ASN A 136 3.28 -20.30 23.20
C ASN A 136 2.93 -20.10 21.71
N LEU A 137 3.81 -19.40 21.00
CA LEU A 137 3.57 -18.99 19.62
C LEU A 137 4.63 -19.54 18.70
N THR A 138 4.51 -19.21 17.41
CA THR A 138 5.47 -19.70 16.41
C THR A 138 6.87 -19.23 16.73
N PRO A 139 7.89 -19.81 16.07
CA PRO A 139 9.18 -19.31 16.46
C PRO A 139 9.57 -18.09 15.61
N GLU A 140 8.57 -17.35 15.15
CA GLU A 140 8.79 -16.21 14.22
C GLU A 140 8.28 -14.92 14.83
N GLN A 141 7.22 -15.04 15.61
CA GLN A 141 6.72 -13.90 16.33
C GLN A 141 7.61 -13.57 17.54
N VAL A 142 8.14 -14.60 18.18
CA VAL A 142 9.22 -14.43 19.13
C VAL A 142 10.36 -13.57 18.55
N VAL A 143 10.85 -13.92 17.34
CA VAL A 143 11.80 -13.04 16.65
C VAL A 143 11.18 -11.65 16.43
N ALA A 144 9.86 -11.61 16.20
CA ALA A 144 9.16 -10.36 15.88
C ALA A 144 9.15 -9.45 17.10
N ILE A 145 8.81 -10.07 18.23
CA ILE A 145 8.62 -9.41 19.50
C ILE A 145 9.98 -9.03 20.04
N ALA A 146 10.99 -9.82 19.72
CA ALA A 146 12.31 -9.53 20.28
C ALA A 146 13.13 -8.49 19.47
N SER A 147 12.62 -8.05 18.32
CA SER A 147 13.44 -7.27 17.40
C SER A 147 13.16 -5.78 17.46
N HIS A 148 13.29 -5.20 18.67
CA HIS A 148 13.03 -3.77 18.94
C HIS A 148 13.73 -3.44 20.23
N ASP A 149 13.73 -2.14 20.54
CA ASP A 149 14.64 -1.51 21.47
C ASP A 149 14.43 -2.01 22.89
N GLY A 150 13.22 -2.52 23.14
CA GLY A 150 12.95 -3.16 24.41
C GLY A 150 12.24 -4.47 24.20
N GLY A 151 12.89 -5.31 23.41
CA GLY A 151 12.44 -6.66 23.13
C GLY A 151 12.37 -7.35 24.45
N LYS A 152 13.48 -7.38 25.18
CA LYS A 152 13.45 -8.10 26.46
C LYS A 152 12.15 -7.83 27.21
N GLN A 153 11.76 -6.56 27.29
CA GLN A 153 10.60 -6.08 28.08
C GLN A 153 9.34 -6.56 27.42
N ALA A 154 9.37 -6.50 26.09
CA ALA A 154 8.27 -6.88 25.23
C ALA A 154 7.98 -8.35 25.43
N LEU A 155 8.99 -9.22 25.41
CA LEU A 155 8.79 -10.67 25.65
C LEU A 155 8.28 -10.94 27.07
N GLU A 156 9.01 -10.49 28.09
CA GLU A 156 8.54 -10.79 29.44
C GLU A 156 7.05 -10.41 29.56
N THR A 157 6.69 -9.22 29.08
CA THR A 157 5.36 -8.74 29.27
C THR A 157 4.30 -9.49 28.42
N VAL A 158 4.74 -10.16 27.35
CA VAL A 158 3.89 -11.02 26.58
C VAL A 158 3.73 -12.40 27.25
N GLN A 159 4.68 -12.78 28.09
CA GLN A 159 4.58 -13.98 28.92
C GLN A 159 3.50 -13.68 29.96
N ARG A 160 3.55 -12.44 30.46
CA ARG A 160 2.69 -12.03 31.53
C ARG A 160 1.25 -11.87 31.09
N LEU A 161 1.06 -11.02 30.10
CA LEU A 161 -0.25 -10.47 29.82
C LEU A 161 -0.98 -11.08 28.63
N LEU A 162 -0.39 -12.06 28.00
CA LEU A 162 -1.07 -12.72 26.90
C LEU A 162 -2.29 -13.48 27.42
N PRO A 163 -2.10 -14.33 28.46
CA PRO A 163 -3.26 -15.00 29.03
C PRO A 163 -4.43 -14.08 29.40
N VAL A 164 -4.16 -13.05 30.21
CA VAL A 164 -5.21 -12.11 30.56
C VAL A 164 -5.63 -11.16 29.43
N LEU A 165 -5.15 -11.34 28.20
CA LEU A 165 -5.64 -10.56 27.06
C LEU A 165 -6.43 -11.45 26.11
N CYS A 166 -6.07 -12.72 26.08
CA CYS A 166 -6.65 -13.65 25.12
C CYS A 166 -7.86 -14.37 25.65
N GLN A 167 -8.00 -14.38 26.97
CA GLN A 167 -9.12 -15.03 27.64
C GLN A 167 -10.15 -14.00 28.16
N ALA A 168 -9.66 -13.06 28.98
CA ALA A 168 -10.54 -12.07 29.62
C ALA A 168 -11.11 -11.09 28.60
N HIS A 169 -10.25 -10.57 27.73
CA HIS A 169 -10.64 -9.51 26.82
C HIS A 169 -10.87 -10.04 25.42
N GLY A 170 -10.76 -11.36 25.26
CA GLY A 170 -11.00 -12.01 23.97
C GLY A 170 -10.33 -11.33 22.80
N LEU A 171 -9.03 -11.10 22.93
CA LEU A 171 -8.18 -10.77 21.79
C LEU A 171 -7.55 -12.10 21.41
N THR A 172 -6.99 -12.18 20.21
CA THR A 172 -6.38 -13.41 19.77
C THR A 172 -4.90 -13.26 20.01
N PRO A 173 -4.13 -14.36 19.89
CA PRO A 173 -2.68 -14.26 19.98
C PRO A 173 -2.07 -13.32 18.96
N GLN A 174 -2.59 -13.31 17.75
CA GLN A 174 -1.91 -12.62 16.62
C GLN A 174 -1.87 -11.10 16.82
N GLN A 175 -2.90 -10.60 17.50
CA GLN A 175 -3.06 -9.23 17.95
C GLN A 175 -2.25 -8.85 19.23
N VAL A 176 -1.97 -9.82 20.08
CA VAL A 176 -1.12 -9.60 21.21
C VAL A 176 0.28 -9.40 20.62
N VAL A 177 0.65 -10.27 19.68
CA VAL A 177 1.92 -10.19 18.99
C VAL A 177 2.04 -8.92 18.18
N ALA A 178 0.96 -8.52 17.51
CA ALA A 178 1.02 -7.29 16.70
C ALA A 178 1.22 -6.10 17.63
N ILE A 179 0.64 -6.18 18.81
CA ILE A 179 0.84 -5.16 19.83
C ILE A 179 2.25 -5.20 20.43
N ALA A 180 2.77 -6.40 20.72
CA ALA A 180 4.11 -6.47 21.29
C ALA A 180 5.19 -6.29 20.23
N SER A 181 4.82 -6.33 18.96
CA SER A 181 5.87 -6.18 17.95
C SER A 181 6.44 -4.78 17.63
N ASN A 182 6.23 -3.77 18.51
CA ASN A 182 6.94 -2.45 18.38
C ASN A 182 7.71 -1.97 19.61
N GLY A 183 8.41 -0.85 19.46
CA GLY A 183 9.21 -0.30 20.54
C GLY A 183 8.24 0.28 21.55
N GLY A 184 8.35 -0.09 22.82
CA GLY A 184 7.33 0.28 23.78
C GLY A 184 6.24 -0.75 23.92
N GLY A 185 6.50 -1.95 23.40
CA GLY A 185 5.48 -3.04 23.31
C GLY A 185 4.94 -3.41 24.68
N LYS A 186 5.87 -3.50 25.65
CA LYS A 186 5.47 -3.61 27.05
C LYS A 186 4.46 -2.53 27.43
N GLN A 187 4.81 -1.27 27.18
CA GLN A 187 4.00 -0.12 27.57
C GLN A 187 2.65 -0.16 26.89
N ALA A 188 2.67 -0.54 25.61
CA ALA A 188 1.43 -0.75 24.87
C ALA A 188 0.52 -1.91 25.33
N LEU A 189 1.08 -3.07 25.66
CA LEU A 189 0.22 -4.22 26.11
C LEU A 189 -0.51 -3.84 27.36
N GLU A 190 0.27 -3.53 28.38
CA GLU A 190 -0.19 -3.04 29.63
C GLU A 190 -1.21 -1.92 29.52
N THR A 191 -1.17 -1.09 28.46
CA THR A 191 -2.09 0.04 28.39
C THR A 191 -3.36 -0.41 27.71
N VAL A 192 -3.23 -1.40 26.85
CA VAL A 192 -4.39 -2.10 26.32
C VAL A 192 -5.13 -2.75 27.47
N GLN A 193 -4.37 -3.47 28.27
CA GLN A 193 -4.89 -4.18 29.42
C GLN A 193 -5.80 -3.21 30.16
N ARG A 194 -5.25 -2.05 30.52
CA ARG A 194 -5.94 -1.08 31.37
C ARG A 194 -7.16 -0.45 30.71
N LEU A 195 -7.08 -0.10 29.44
CA LEU A 195 -8.10 0.80 28.87
C LEU A 195 -9.00 0.15 27.86
N LEU A 196 -8.64 -1.04 27.38
CA LEU A 196 -9.51 -1.63 26.37
C LEU A 196 -11.00 -1.62 26.77
N PRO A 197 -11.38 -2.22 27.91
CA PRO A 197 -12.79 -2.19 28.39
C PRO A 197 -13.42 -0.79 28.46
N VAL A 198 -12.67 0.17 29.01
CA VAL A 198 -13.01 1.61 28.98
C VAL A 198 -13.34 2.16 27.58
N LEU A 199 -12.41 1.98 26.63
CA LEU A 199 -12.54 2.54 25.28
C LEU A 199 -13.60 1.83 24.44
N CYS A 200 -13.98 0.61 24.83
CA CYS A 200 -15.03 -0.12 24.10
C CYS A 200 -16.47 0.31 24.39
N GLN A 201 -16.84 0.38 25.66
CA GLN A 201 -18.18 0.74 26.08
C GLN A 201 -18.30 2.21 26.46
N ALA A 202 -17.23 2.78 27.02
CA ALA A 202 -17.27 4.17 27.44
C ALA A 202 -17.20 5.09 26.24
N HIS A 203 -16.49 4.66 25.20
CA HIS A 203 -16.25 5.46 24.02
C HIS A 203 -16.81 4.81 22.77
N GLY A 204 -17.16 3.53 22.89
CA GLY A 204 -17.71 2.79 21.76
C GLY A 204 -16.71 2.46 20.66
N LEU A 205 -15.62 1.78 21.02
CA LEU A 205 -14.64 1.27 20.03
C LEU A 205 -14.54 -0.27 20.02
N THR A 206 -14.21 -0.85 18.88
CA THR A 206 -14.14 -2.31 18.86
C THR A 206 -12.82 -2.73 19.44
N PRO A 207 -12.71 -4.02 19.82
CA PRO A 207 -11.38 -4.59 20.08
C PRO A 207 -10.39 -4.23 18.97
N GLU A 208 -10.74 -4.50 17.73
CA GLU A 208 -9.81 -4.27 16.61
C GLU A 208 -9.34 -2.82 16.45
N GLN A 209 -10.19 -1.85 16.82
CA GLN A 209 -9.82 -0.43 16.70
C GLN A 209 -8.68 -0.15 17.67
N VAL A 210 -8.74 -0.81 18.82
CA VAL A 210 -7.81 -0.54 19.87
C VAL A 210 -6.54 -1.30 19.62
N VAL A 211 -6.69 -2.55 19.15
CA VAL A 211 -5.56 -3.32 18.73
C VAL A 211 -4.82 -2.50 17.71
N ALA A 212 -5.54 -1.85 16.78
CA ALA A 212 -4.80 -1.05 15.82
C ALA A 212 -4.01 0.02 16.52
N ILE A 213 -4.71 0.94 17.18
CA ILE A 213 -4.07 2.08 17.83
C ILE A 213 -2.83 1.68 18.66
N ALA A 214 -2.84 0.47 19.22
CA ALA A 214 -1.74 -0.06 20.04
C ALA A 214 -0.50 -0.58 19.29
N SER A 215 -0.74 -1.18 18.12
CA SER A 215 0.28 -1.66 17.20
C SER A 215 1.07 -0.53 16.48
N ASN A 216 1.89 0.20 17.22
CA ASN A 216 2.75 1.24 16.64
C ASN A 216 3.70 1.68 17.71
N ILE A 217 4.81 2.27 17.32
CA ILE A 217 5.73 2.86 18.26
C ILE A 217 4.92 3.86 19.07
N GLY A 218 5.01 3.73 20.41
CA GLY A 218 4.32 4.61 21.35
C GLY A 218 2.82 4.42 21.49
N GLY A 219 2.35 3.20 21.29
CA GLY A 219 0.91 2.87 21.34
C GLY A 219 0.28 3.41 22.57
N LYS A 220 0.92 3.20 23.71
CA LYS A 220 0.40 3.67 24.99
C LYS A 220 0.13 5.14 24.93
N GLN A 221 1.02 5.93 24.35
CA GLN A 221 0.76 7.38 24.36
C GLN A 221 -0.37 7.70 23.44
N ALA A 222 -0.49 6.97 22.34
CA ALA A 222 -1.72 7.08 21.55
C ALA A 222 -3.04 6.76 22.32
N LEU A 223 -3.15 5.60 22.98
CA LEU A 223 -4.41 5.22 23.68
C LEU A 223 -4.79 6.14 24.84
N GLU A 224 -3.81 6.53 25.63
CA GLU A 224 -4.11 7.49 26.66
C GLU A 224 -4.66 8.80 26.06
N THR A 225 -4.32 9.05 24.80
CA THR A 225 -4.69 10.28 24.15
C THR A 225 -6.05 10.21 23.45
N VAL A 226 -6.37 9.05 22.88
CA VAL A 226 -7.69 8.90 22.29
C VAL A 226 -8.75 8.81 23.39
N GLN A 227 -8.45 8.16 24.52
CA GLN A 227 -9.36 8.10 25.69
C GLN A 227 -9.70 9.49 26.23
N ALA A 228 -8.67 10.34 26.34
CA ALA A 228 -8.80 11.72 26.75
C ALA A 228 -9.43 12.62 25.68
N LEU A 229 -9.16 12.42 24.39
CA LEU A 229 -9.61 13.44 23.44
C LEU A 229 -10.54 12.97 22.34
N LEU A 230 -10.96 11.71 22.37
CA LEU A 230 -11.98 11.22 21.45
C LEU A 230 -13.18 12.14 21.63
N PRO A 231 -13.69 12.23 22.88
CA PRO A 231 -14.98 12.90 23.10
C PRO A 231 -14.99 14.33 22.58
N VAL A 232 -13.88 15.05 22.77
CA VAL A 232 -13.80 16.48 22.52
C VAL A 232 -13.60 16.85 21.08
N LEU A 233 -13.03 15.91 20.32
CA LEU A 233 -12.64 16.07 18.92
C LEU A 233 -13.81 15.70 18.04
N CYS A 234 -14.55 14.70 18.49
CA CYS A 234 -15.80 14.26 17.86
C CYS A 234 -16.96 15.26 17.94
N GLN A 235 -17.35 15.63 19.16
CA GLN A 235 -18.44 16.58 19.31
C GLN A 235 -17.99 18.00 18.92
N ALA A 236 -17.12 18.62 19.71
CA ALA A 236 -16.74 20.02 19.53
C ALA A 236 -16.06 20.38 18.21
N HIS A 237 -15.12 19.53 17.75
CA HIS A 237 -14.51 19.67 16.41
C HIS A 237 -15.27 18.99 15.27
N GLY A 238 -16.21 18.15 15.62
CA GLY A 238 -17.04 17.50 14.61
C GLY A 238 -16.34 16.46 13.76
N LEU A 239 -15.47 15.66 14.37
CA LEU A 239 -14.83 14.51 13.69
C LEU A 239 -15.57 13.21 14.00
N THR A 240 -15.36 12.15 13.21
CA THR A 240 -15.90 10.81 13.54
C THR A 240 -14.97 10.00 14.47
N PRO A 241 -15.50 8.88 15.06
CA PRO A 241 -14.70 7.79 15.65
C PRO A 241 -13.69 7.25 14.65
N GLN A 242 -14.14 7.10 13.42
CA GLN A 242 -13.32 6.62 12.32
C GLN A 242 -12.14 7.54 12.08
N GLN A 243 -12.32 8.84 12.28
CA GLN A 243 -11.23 9.80 12.01
C GLN A 243 -10.25 10.11 13.17
N VAL A 244 -10.65 9.78 14.40
CA VAL A 244 -9.77 9.93 15.55
C VAL A 244 -8.89 8.69 15.58
N VAL A 245 -9.51 7.52 15.49
CA VAL A 245 -8.77 6.26 15.44
C VAL A 245 -7.74 6.27 14.33
N ALA A 246 -8.16 6.49 13.10
CA ALA A 246 -7.20 6.57 12.01
C ALA A 246 -6.04 7.60 12.20
N ILE A 247 -6.27 8.66 12.96
CA ILE A 247 -5.23 9.65 13.21
C ILE A 247 -4.32 9.12 14.29
N ALA A 248 -4.87 8.19 15.07
CA ALA A 248 -4.20 7.62 16.22
C ALA A 248 -3.43 6.35 15.88
N SER A 249 -3.61 5.85 14.68
CA SER A 249 -3.05 4.58 14.22
C SER A 249 -1.69 4.67 13.46
N ASN A 250 -0.91 5.71 13.74
CA ASN A 250 0.53 5.83 13.40
C ASN A 250 1.49 6.24 14.52
N GLY A 251 2.75 5.82 14.43
CA GLY A 251 3.84 6.31 15.28
C GLY A 251 3.63 7.78 15.55
N GLY A 252 3.69 8.19 16.82
CA GLY A 252 3.48 9.62 17.17
C GLY A 252 1.99 10.06 17.21
N GLY A 253 1.13 9.07 17.34
CA GLY A 253 -0.32 9.30 17.41
C GLY A 253 -0.69 10.37 18.41
N LYS A 254 -0.19 10.22 19.63
CA LYS A 254 -0.47 11.23 20.62
C LYS A 254 -0.14 12.59 20.02
N GLN A 255 1.01 12.73 19.35
CA GLN A 255 1.40 14.06 18.91
C GLN A 255 0.46 14.49 17.82
N ALA A 256 0.21 13.61 16.87
CA ALA A 256 -0.70 13.94 15.80
C ALA A 256 -2.11 14.35 16.29
N LEU A 257 -2.73 13.63 17.24
CA LEU A 257 -4.07 14.05 17.72
C LEU A 257 -3.95 15.37 18.49
N GLU A 258 -2.86 15.55 19.22
CA GLU A 258 -2.80 16.76 20.04
C GLU A 258 -2.55 18.01 19.19
N THR A 259 -2.01 17.81 18.01
CA THR A 259 -1.78 18.91 17.11
C THR A 259 -3.12 19.17 16.41
N VAL A 260 -3.92 18.13 16.24
CA VAL A 260 -5.25 18.22 15.61
C VAL A 260 -6.27 19.08 16.40
N GLN A 261 -6.42 18.84 17.70
CA GLN A 261 -7.15 19.78 18.56
C GLN A 261 -6.52 21.18 18.69
N ARG A 262 -5.19 21.29 18.71
CA ARG A 262 -4.58 22.61 18.83
C ARG A 262 -4.69 23.41 17.53
N LEU A 263 -4.78 22.70 16.40
CA LEU A 263 -4.58 23.36 15.13
C LEU A 263 -5.74 23.25 14.17
N LEU A 264 -6.61 22.23 14.33
CA LEU A 264 -7.69 21.95 13.33
C LEU A 264 -8.62 23.14 13.15
N PRO A 265 -9.04 23.78 14.27
CA PRO A 265 -9.70 25.11 14.12
C PRO A 265 -9.02 26.16 13.20
N VAL A 266 -7.84 26.66 13.56
CA VAL A 266 -7.10 27.61 12.72
C VAL A 266 -6.95 27.18 11.25
N LEU A 267 -6.86 25.86 11.01
CA LEU A 267 -6.54 25.37 9.66
C LEU A 267 -7.75 25.40 8.77
N CYS A 268 -8.89 25.22 9.41
CA CYS A 268 -10.17 25.11 8.72
C CYS A 268 -10.75 26.47 8.43
N GLN A 269 -11.20 27.09 9.50
CA GLN A 269 -11.89 28.36 9.41
C GLN A 269 -10.93 29.40 8.79
N ALA A 270 -9.65 29.31 9.16
CA ALA A 270 -8.71 30.42 8.95
C ALA A 270 -7.66 30.18 7.87
N HIS A 271 -7.57 28.94 7.41
CA HIS A 271 -6.66 28.63 6.31
C HIS A 271 -7.40 28.13 5.09
N GLY A 272 -8.63 27.66 5.30
CA GLY A 272 -9.45 27.12 4.21
C GLY A 272 -9.45 25.60 4.02
N LEU A 273 -9.05 24.83 5.04
CA LEU A 273 -8.98 23.38 4.89
C LEU A 273 -10.18 22.63 5.50
N THR A 274 -10.63 21.54 4.84
CA THR A 274 -11.75 20.75 5.36
C THR A 274 -11.34 20.06 6.69
N PRO A 275 -12.31 19.57 7.52
CA PRO A 275 -11.91 18.50 8.47
C PRO A 275 -11.45 17.20 7.76
N GLU A 276 -11.84 16.99 6.52
CA GLU A 276 -11.33 15.85 5.77
C GLU A 276 -9.87 16.04 5.41
N GLN A 277 -9.47 17.30 5.28
CA GLN A 277 -8.14 17.63 4.80
C GLN A 277 -7.11 17.67 5.91
N VAL A 278 -7.60 17.79 7.12
CA VAL A 278 -6.75 17.92 8.30
C VAL A 278 -6.46 16.53 8.81
N VAL A 279 -7.47 15.68 8.72
CA VAL A 279 -7.31 14.30 9.06
C VAL A 279 -6.20 13.74 8.16
N ALA A 280 -6.42 13.84 6.86
CA ALA A 280 -5.51 13.29 5.84
C ALA A 280 -4.04 13.62 6.07
N ILE A 281 -3.74 14.87 6.44
CA ILE A 281 -2.35 15.20 6.75
C ILE A 281 -1.90 14.77 8.16
N ALA A 282 -2.84 14.44 9.04
CA ALA A 282 -2.46 14.02 10.38
C ALA A 282 -2.27 12.51 10.43
N SER A 283 -2.89 11.81 9.48
CA SER A 283 -2.89 10.37 9.45
C SER A 283 -1.68 9.79 8.66
N ASN A 284 -0.50 10.10 9.18
CA ASN A 284 0.81 9.68 8.66
C ASN A 284 1.75 9.89 9.81
N ILE A 285 2.76 9.02 9.93
CA ILE A 285 3.81 9.23 10.91
C ILE A 285 4.33 10.64 10.60
N GLY A 286 4.32 11.50 11.63
CA GLY A 286 4.95 12.81 11.63
C GLY A 286 3.90 13.90 11.55
N GLY A 287 2.64 13.49 11.61
CA GLY A 287 1.50 14.36 11.26
C GLY A 287 1.53 15.65 12.06
N LYS A 288 1.93 15.56 13.32
CA LYS A 288 2.26 16.77 14.02
C LYS A 288 3.14 17.65 13.12
N GLN A 289 4.32 17.15 12.77
CA GLN A 289 5.29 17.85 11.95
C GLN A 289 4.73 18.32 10.62
N ALA A 290 3.85 17.51 10.05
CA ALA A 290 3.19 17.98 8.84
C ALA A 290 2.20 19.15 9.14
N LEU A 291 1.33 19.05 10.14
CA LEU A 291 0.35 20.15 10.38
C LEU A 291 1.03 21.50 10.61
N GLU A 292 2.02 21.48 11.50
CA GLU A 292 2.76 22.67 11.92
C GLU A 292 3.50 23.34 10.78
N THR A 293 3.81 22.54 9.75
CA THR A 293 4.50 23.08 8.60
C THR A 293 3.49 23.62 7.61
N VAL A 294 2.33 22.96 7.50
CA VAL A 294 1.29 23.40 6.56
C VAL A 294 0.87 24.78 7.00
N GLN A 295 0.57 24.92 8.28
CA GLN A 295 0.22 26.19 8.88
C GLN A 295 1.26 27.28 8.66
N ALA A 296 2.53 26.91 8.68
CA ALA A 296 3.62 27.89 8.58
C ALA A 296 3.92 28.24 7.14
N LEU A 297 3.60 27.31 6.25
CA LEU A 297 4.06 27.40 4.86
C LEU A 297 3.03 27.47 3.77
N LEU A 298 1.85 26.88 3.99
CA LEU A 298 0.78 26.90 2.97
C LEU A 298 0.61 28.27 2.33
N PRO A 299 0.37 29.34 3.13
CA PRO A 299 0.23 30.67 2.53
C PRO A 299 1.41 31.06 1.65
N VAL A 300 2.64 30.78 2.10
CA VAL A 300 3.83 31.10 1.29
C VAL A 300 3.97 30.29 0.03
N LEU A 301 3.58 29.02 0.10
CA LEU A 301 3.63 28.15 -1.06
C LEU A 301 2.53 28.55 -2.03
N CYS A 302 1.35 28.82 -1.48
CA CYS A 302 0.21 29.25 -2.28
C CYS A 302 0.48 30.60 -2.90
N GLN A 303 0.79 31.60 -2.08
CA GLN A 303 0.98 32.95 -2.61
C GLN A 303 2.18 33.04 -3.57
N ALA A 304 3.37 32.63 -3.12
CA ALA A 304 4.63 32.88 -3.88
C ALA A 304 4.91 31.96 -5.07
N HIS A 305 4.45 30.72 -4.98
CA HIS A 305 4.77 29.71 -5.96
C HIS A 305 3.58 29.24 -6.78
N GLY A 306 2.38 29.66 -6.39
CA GLY A 306 1.16 29.42 -7.16
C GLY A 306 0.54 28.04 -6.99
N LEU A 307 0.86 27.38 -5.88
CA LEU A 307 0.35 26.05 -5.65
C LEU A 307 -0.98 26.22 -4.94
N THR A 308 -1.89 25.26 -5.11
CA THR A 308 -3.24 25.29 -4.48
C THR A 308 -3.22 24.78 -3.01
N PRO A 309 -4.35 24.90 -2.28
CA PRO A 309 -4.39 24.17 -1.00
C PRO A 309 -4.40 22.66 -1.20
N GLU A 310 -5.29 22.16 -2.07
CA GLU A 310 -5.39 20.72 -2.39
C GLU A 310 -4.02 20.08 -2.65
N GLN A 311 -3.11 20.91 -3.17
CA GLN A 311 -1.82 20.46 -3.69
C GLN A 311 -0.74 20.54 -2.62
N VAL A 312 -0.78 21.59 -1.81
CA VAL A 312 0.09 21.74 -0.66
C VAL A 312 -0.24 20.65 0.38
N VAL A 313 -1.49 20.14 0.31
CA VAL A 313 -2.03 19.04 1.09
C VAL A 313 -1.79 17.72 0.38
N ALA A 314 -1.28 17.77 -0.84
CA ALA A 314 -1.13 16.52 -1.60
C ALA A 314 0.21 16.02 -1.17
N ILE A 315 1.19 16.90 -1.40
CA ILE A 315 2.47 16.81 -0.79
C ILE A 315 2.04 16.97 0.65
N ALA A 316 2.89 16.67 1.61
CA ALA A 316 2.43 16.94 2.98
C ALA A 316 1.42 15.94 3.55
N SER A 317 0.89 15.04 2.72
CA SER A 317 -0.04 14.03 3.19
C SER A 317 0.63 12.67 3.03
N ASN A 318 1.92 12.68 3.34
CA ASN A 318 2.83 11.56 3.22
C ASN A 318 3.83 11.56 4.39
N ILE A 319 4.33 10.40 4.78
CA ILE A 319 5.40 10.36 5.74
C ILE A 319 6.50 11.32 5.25
N GLY A 320 7.02 12.22 6.07
CA GLY A 320 8.08 13.12 5.58
C GLY A 320 7.47 14.46 5.15
N GLY A 321 6.18 14.64 5.44
CA GLY A 321 5.48 15.73 4.78
C GLY A 321 6.08 17.10 5.06
N LYS A 322 6.91 17.18 6.09
CA LYS A 322 7.36 18.47 6.53
C LYS A 322 8.68 18.63 5.81
N GLN A 323 9.40 17.51 5.73
CA GLN A 323 10.61 17.47 4.94
C GLN A 323 10.27 17.82 3.49
N ALA A 324 9.27 17.15 2.92
CA ALA A 324 8.84 17.43 1.56
C ALA A 324 8.38 18.89 1.34
N LEU A 325 7.44 19.36 2.14
CA LEU A 325 7.02 20.73 2.11
C LEU A 325 8.20 21.70 2.00
N GLU A 326 9.08 21.74 3.00
CA GLU A 326 10.20 22.71 3.04
C GLU A 326 11.05 22.68 1.78
N THR A 327 11.09 21.49 1.18
CA THR A 327 12.05 21.19 0.17
C THR A 327 11.45 21.61 -1.15
N VAL A 328 10.12 21.70 -1.21
CA VAL A 328 9.44 22.25 -2.36
C VAL A 328 9.65 23.76 -2.36
N GLN A 329 9.53 24.39 -1.20
CA GLN A 329 9.74 25.84 -1.11
C GLN A 329 11.19 26.21 -1.36
N ALA A 330 12.08 25.31 -0.99
CA ALA A 330 13.47 25.56 -1.25
C ALA A 330 13.70 25.44 -2.73
N LEU A 331 13.12 24.43 -3.37
CA LEU A 331 13.65 23.97 -4.65
C LEU A 331 12.77 24.12 -5.88
N LEU A 332 11.55 24.59 -5.69
CA LEU A 332 10.67 24.80 -6.82
C LEU A 332 11.20 25.90 -7.74
N PRO A 333 11.43 27.12 -7.20
CA PRO A 333 11.83 28.13 -8.18
C PRO A 333 13.03 27.67 -9.06
N VAL A 334 13.88 26.80 -8.50
CA VAL A 334 15.11 26.29 -9.14
C VAL A 334 14.87 25.07 -10.03
N LEU A 335 13.67 24.53 -9.95
CA LEU A 335 13.35 23.29 -10.64
C LEU A 335 12.50 23.60 -11.87
N CYS A 336 11.70 24.65 -11.75
CA CYS A 336 10.80 25.09 -12.80
C CYS A 336 11.56 25.83 -13.92
N GLN A 337 12.66 26.55 -13.55
CA GLN A 337 13.40 27.36 -14.55
C GLN A 337 14.88 26.98 -14.81
N ALA A 338 15.55 26.38 -13.85
CA ALA A 338 16.86 25.78 -14.15
C ALA A 338 16.71 24.40 -14.83
N HIS A 339 15.59 23.72 -14.56
CA HIS A 339 15.27 22.48 -15.29
C HIS A 339 13.93 22.58 -16.06
N GLY A 340 13.25 23.73 -15.98
CA GLY A 340 11.97 23.95 -16.67
C GLY A 340 10.78 22.99 -16.53
N LEU A 341 10.34 22.67 -15.30
CA LEU A 341 9.13 21.82 -15.11
C LEU A 341 7.91 22.64 -14.67
N THR A 342 6.72 22.02 -14.59
CA THR A 342 5.58 22.74 -14.01
C THR A 342 5.69 22.72 -12.48
N PRO A 343 4.94 23.59 -11.78
CA PRO A 343 4.66 23.24 -10.40
C PRO A 343 4.14 21.80 -10.33
N GLU A 344 3.28 21.45 -11.29
CA GLU A 344 2.71 20.12 -11.40
C GLU A 344 3.68 18.95 -11.18
N GLN A 345 4.86 19.05 -11.78
CA GLN A 345 5.83 17.97 -11.78
C GLN A 345 6.77 18.20 -10.61
N VAL A 346 6.75 19.41 -10.05
CA VAL A 346 7.51 19.52 -8.84
C VAL A 346 6.70 18.95 -7.70
N VAL A 347 5.42 19.29 -7.68
CA VAL A 347 4.53 18.59 -6.81
C VAL A 347 4.58 17.06 -6.92
N ALA A 348 4.27 16.54 -8.11
CA ALA A 348 4.24 15.11 -8.34
C ALA A 348 5.43 14.44 -7.61
N ILE A 349 6.60 15.05 -7.70
CA ILE A 349 7.83 14.48 -7.16
C ILE A 349 7.94 14.62 -5.67
N ALA A 350 7.19 15.58 -5.15
CA ALA A 350 7.01 15.74 -3.73
C ALA A 350 5.89 14.94 -3.07
N SER A 351 4.98 14.35 -3.85
CA SER A 351 3.74 13.82 -3.26
C SER A 351 3.81 12.35 -2.84
N ASN A 352 5.04 11.91 -2.61
CA ASN A 352 5.32 10.58 -2.13
C ASN A 352 6.19 10.58 -0.89
N ILE A 353 6.13 9.53 -0.09
CA ILE A 353 6.98 9.34 1.06
C ILE A 353 8.48 9.67 0.70
N GLY A 354 9.24 10.40 1.51
CA GLY A 354 10.63 10.72 1.06
C GLY A 354 10.77 11.79 -0.07
N GLY A 355 9.67 12.43 -0.42
CA GLY A 355 9.73 13.45 -1.46
C GLY A 355 10.98 14.31 -1.44
N LYS A 356 11.31 14.86 -0.27
CA LYS A 356 12.53 15.64 -0.09
C LYS A 356 13.74 14.94 -0.69
N GLN A 357 13.87 13.66 -0.40
CA GLN A 357 14.95 12.87 -0.99
C GLN A 357 14.90 12.91 -2.49
N ALA A 358 13.69 13.01 -3.02
CA ALA A 358 13.46 12.72 -4.43
C ALA A 358 13.64 14.00 -5.13
N LEU A 359 13.15 15.06 -4.50
CA LEU A 359 13.11 16.37 -5.08
C LEU A 359 14.56 16.88 -5.14
N GLU A 360 15.45 16.30 -4.34
CA GLU A 360 16.83 16.78 -4.31
C GLU A 360 17.57 16.05 -5.34
N THR A 361 17.33 14.74 -5.35
CA THR A 361 17.95 13.85 -6.31
C THR A 361 17.56 14.22 -7.78
N VAL A 362 16.36 14.76 -7.98
CA VAL A 362 15.90 15.11 -9.32
C VAL A 362 16.70 16.34 -9.83
N GLN A 363 16.73 17.34 -8.94
CA GLN A 363 17.56 18.50 -9.06
C GLN A 363 19.02 18.12 -9.35
N ALA A 364 19.69 17.43 -8.40
CA ALA A 364 21.05 16.94 -8.63
C ALA A 364 21.17 16.22 -9.95
N LEU A 365 20.54 15.04 -10.05
CA LEU A 365 20.85 14.01 -11.07
C LEU A 365 20.11 14.06 -12.42
N LEU A 366 19.18 15.01 -12.59
CA LEU A 366 18.47 15.15 -13.87
C LEU A 366 19.45 15.66 -14.95
N PRO A 367 20.22 16.75 -14.65
CA PRO A 367 21.13 17.22 -15.69
C PRO A 367 21.94 16.08 -16.29
N VAL A 368 22.68 15.36 -15.44
CA VAL A 368 23.47 14.16 -15.80
C VAL A 368 22.66 13.00 -16.45
N LEU A 369 21.33 12.98 -16.27
CA LEU A 369 20.51 11.84 -16.78
C LEU A 369 19.86 12.00 -18.15
N CYS A 370 19.25 13.15 -18.42
CA CYS A 370 18.93 13.49 -19.80
C CYS A 370 20.16 13.42 -20.70
N GLN A 371 21.31 13.79 -20.13
CA GLN A 371 22.52 14.05 -20.93
C GLN A 371 23.35 12.85 -21.40
N ALA A 372 24.07 12.21 -20.49
CA ALA A 372 24.91 11.08 -20.87
C ALA A 372 24.10 9.89 -21.36
N HIS A 373 22.95 9.62 -20.72
CA HIS A 373 22.16 8.40 -21.00
C HIS A 373 20.98 8.61 -21.92
N GLY A 374 20.50 9.84 -21.99
CA GLY A 374 19.40 10.18 -22.88
C GLY A 374 18.17 9.53 -22.33
N LEU A 375 17.74 10.04 -21.18
CA LEU A 375 16.37 9.87 -20.74
C LEU A 375 15.77 11.23 -20.99
N THR A 376 14.50 11.25 -21.38
CA THR A 376 13.80 12.49 -21.49
C THR A 376 13.73 13.05 -20.05
N PRO A 377 13.39 14.33 -19.90
CA PRO A 377 13.11 14.86 -18.55
C PRO A 377 11.88 14.24 -17.90
N GLU A 378 10.93 13.78 -18.71
CA GLU A 378 9.77 13.06 -18.20
C GLU A 378 10.17 11.69 -17.64
N GLN A 379 11.07 11.00 -18.30
CA GLN A 379 11.56 9.75 -17.74
C GLN A 379 12.31 9.92 -16.40
N VAL A 380 12.83 11.11 -16.12
CA VAL A 380 13.51 11.28 -14.83
C VAL A 380 12.50 11.56 -13.73
N VAL A 381 11.36 12.08 -14.15
CA VAL A 381 10.29 12.49 -13.26
C VAL A 381 9.40 11.29 -12.93
N ALA A 382 9.19 10.38 -13.88
CA ALA A 382 8.34 9.21 -13.67
C ALA A 382 9.07 8.39 -12.69
N ILE A 383 10.37 8.20 -12.96
CA ILE A 383 11.18 7.39 -12.12
C ILE A 383 11.09 7.83 -10.68
N ALA A 384 10.94 9.14 -10.48
CA ALA A 384 11.04 9.76 -9.16
C ALA A 384 9.70 10.09 -8.57
N SER A 385 8.61 9.76 -9.26
CA SER A 385 7.32 9.98 -8.63
C SER A 385 6.80 8.70 -7.95
N HIS A 386 7.54 8.24 -6.91
CA HIS A 386 7.18 6.96 -6.19
C HIS A 386 7.95 6.88 -4.88
N ASP A 387 7.43 6.14 -3.90
CA ASP A 387 8.10 5.93 -2.64
C ASP A 387 9.52 5.43 -2.93
N GLY A 388 10.53 6.19 -2.54
CA GLY A 388 11.93 5.73 -2.78
C GLY A 388 12.62 6.26 -4.04
N GLY A 389 12.05 7.35 -4.55
CA GLY A 389 12.48 8.00 -5.79
C GLY A 389 13.96 8.23 -5.88
N LYS A 390 14.57 8.46 -4.73
CA LYS A 390 15.97 8.70 -4.67
C LYS A 390 16.63 7.36 -4.95
N GLN A 391 16.46 6.38 -4.07
CA GLN A 391 17.04 5.08 -4.33
C GLN A 391 16.94 4.65 -5.79
N ALA A 392 15.86 5.00 -6.47
CA ALA A 392 15.67 4.51 -7.88
C ALA A 392 16.34 5.36 -8.93
N LEU A 393 16.55 6.64 -8.66
CA LEU A 393 17.44 7.39 -9.51
C LEU A 393 18.92 6.93 -9.45
N GLU A 394 19.51 6.86 -8.26
CA GLU A 394 20.91 6.40 -8.16
C GLU A 394 21.11 4.90 -8.52
N THR A 395 20.02 4.29 -8.96
CA THR A 395 20.14 2.97 -9.57
C THR A 395 19.84 2.97 -11.09
N VAL A 396 19.23 4.03 -11.60
CA VAL A 396 19.07 4.17 -13.06
C VAL A 396 20.45 4.37 -13.63
N GLN A 397 21.10 5.47 -13.28
CA GLN A 397 22.41 5.73 -13.86
C GLN A 397 23.41 4.60 -13.55
N ARG A 398 23.50 4.21 -12.27
CA ARG A 398 24.41 3.17 -11.78
C ARG A 398 24.33 1.84 -12.56
N LEU A 399 23.14 1.49 -13.06
CA LEU A 399 22.98 0.22 -13.79
C LEU A 399 22.40 0.29 -15.22
N LEU A 400 21.76 1.40 -15.61
CA LEU A 400 21.22 1.51 -16.99
C LEU A 400 22.24 1.20 -18.08
N PRO A 401 23.53 1.59 -17.89
CA PRO A 401 24.60 1.06 -18.73
C PRO A 401 24.79 -0.45 -18.61
N VAL A 402 25.19 -0.93 -17.44
CA VAL A 402 25.51 -2.34 -17.27
C VAL A 402 24.33 -3.24 -17.69
N LEU A 403 23.11 -2.73 -17.54
CA LEU A 403 21.89 -3.48 -17.94
C LEU A 403 21.67 -3.51 -19.44
N CYS A 404 22.05 -2.43 -20.11
CA CYS A 404 21.96 -2.39 -21.56
C CYS A 404 23.13 -3.12 -22.23
N GLN A 405 24.35 -2.68 -21.94
CA GLN A 405 25.58 -3.24 -22.53
C GLN A 405 25.62 -4.75 -22.44
N ALA A 406 25.61 -5.26 -21.21
CA ALA A 406 25.87 -6.66 -20.96
C ALA A 406 24.61 -7.52 -21.18
N HIS A 407 23.45 -6.97 -20.84
CA HIS A 407 22.17 -7.73 -20.83
C HIS A 407 21.24 -7.48 -22.03
N GLY A 408 21.35 -6.30 -22.63
CA GLY A 408 20.64 -5.99 -23.87
C GLY A 408 19.23 -5.48 -23.72
N LEU A 409 18.93 -4.88 -22.57
CA LEU A 409 17.61 -4.26 -22.39
C LEU A 409 17.62 -2.86 -22.98
N THR A 410 16.43 -2.32 -23.17
CA THR A 410 16.28 -0.97 -23.69
C THR A 410 16.07 0.01 -22.53
N PRO A 411 16.57 1.25 -22.63
CA PRO A 411 16.27 2.27 -21.62
C PRO A 411 14.80 2.21 -21.13
N GLU A 412 13.85 2.52 -22.01
CA GLU A 412 12.42 2.35 -21.74
C GLU A 412 12.08 1.13 -20.88
N GLN A 413 12.84 0.06 -21.03
CA GLN A 413 12.65 -1.17 -20.27
C GLN A 413 13.34 -1.15 -18.91
N VAL A 414 14.38 -0.32 -18.76
CA VAL A 414 14.95 -0.03 -17.45
C VAL A 414 14.04 1.03 -16.76
N VAL A 415 13.33 1.83 -17.55
CA VAL A 415 12.69 3.04 -17.03
C VAL A 415 11.31 2.63 -16.50
N ALA A 416 10.88 1.46 -16.93
CA ALA A 416 9.57 0.98 -16.53
C ALA A 416 9.77 0.10 -15.31
N ILE A 417 10.92 -0.56 -15.29
CA ILE A 417 11.28 -1.45 -14.22
C ILE A 417 11.46 -0.59 -13.00
N ALA A 418 11.77 0.68 -13.27
CA ALA A 418 12.16 1.59 -12.18
C ALA A 418 11.04 2.55 -11.78
N SER A 419 10.00 2.64 -12.60
CA SER A 419 8.91 3.55 -12.26
C SER A 419 7.85 2.80 -11.42
N HIS A 420 8.29 2.43 -10.20
CA HIS A 420 7.48 1.74 -9.21
C HIS A 420 8.12 1.84 -7.87
N ASP A 421 7.29 1.85 -6.82
CA ASP A 421 7.79 1.78 -5.42
C ASP A 421 8.78 0.62 -5.36
N GLY A 422 9.96 0.87 -4.86
CA GLY A 422 10.94 -0.19 -4.70
C GLY A 422 11.73 -0.49 -5.96
N GLY A 423 11.69 0.43 -6.94
CA GLY A 423 12.37 0.22 -8.25
C GLY A 423 13.80 -0.27 -8.14
N LYS A 424 14.55 0.30 -7.18
CA LYS A 424 15.94 -0.08 -6.95
C LYS A 424 15.99 -1.60 -6.78
N GLN A 425 15.26 -2.12 -5.82
CA GLN A 425 15.20 -3.58 -5.70
C GLN A 425 14.83 -4.26 -7.01
N ALA A 426 13.94 -3.67 -7.79
CA ALA A 426 13.56 -4.33 -9.05
C ALA A 426 14.83 -4.48 -9.90
N LEU A 427 15.55 -3.39 -10.10
CA LEU A 427 16.79 -3.37 -10.87
C LEU A 427 17.89 -4.33 -10.39
N GLU A 428 18.45 -4.03 -9.22
CA GLU A 428 19.43 -4.93 -8.71
C GLU A 428 19.05 -6.39 -8.95
N THR A 429 17.77 -6.74 -8.76
CA THR A 429 17.37 -8.14 -8.92
C THR A 429 17.26 -8.62 -10.37
N VAL A 430 17.15 -7.68 -11.30
CA VAL A 430 17.24 -7.99 -12.72
C VAL A 430 18.72 -8.27 -13.06
N GLN A 431 19.56 -7.25 -12.89
CA GLN A 431 21.01 -7.35 -13.18
C GLN A 431 21.66 -8.62 -12.63
N ARG A 432 21.07 -9.20 -11.59
CA ARG A 432 21.61 -10.39 -10.93
C ARG A 432 20.88 -11.70 -11.28
N LEU A 433 19.62 -11.61 -11.71
CA LEU A 433 18.78 -12.80 -11.95
C LEU A 433 18.42 -13.13 -13.40
N LEU A 434 18.39 -12.11 -14.24
CA LEU A 434 18.05 -12.30 -15.65
C LEU A 434 18.85 -13.39 -16.39
N PRO A 435 20.18 -13.51 -16.14
CA PRO A 435 20.93 -14.65 -16.64
C PRO A 435 20.21 -15.97 -16.33
N VAL A 436 20.07 -16.29 -15.05
CA VAL A 436 19.52 -17.55 -14.56
C VAL A 436 18.07 -17.81 -15.03
N LEU A 437 17.50 -16.84 -15.73
CA LEU A 437 16.12 -16.93 -16.19
C LEU A 437 16.05 -16.92 -17.72
N CYS A 438 16.90 -16.12 -18.34
CA CYS A 438 17.11 -16.11 -19.79
C CYS A 438 17.74 -17.39 -20.36
N GLN A 439 18.53 -18.08 -19.55
CA GLN A 439 19.16 -19.34 -19.98
C GLN A 439 18.74 -20.59 -19.20
N ALA A 440 18.83 -20.51 -17.85
CA ALA A 440 18.61 -21.74 -17.07
C ALA A 440 17.15 -22.18 -17.18
N HIS A 441 16.22 -21.24 -16.90
CA HIS A 441 14.76 -21.48 -16.90
C HIS A 441 14.01 -21.19 -18.24
N GLY A 442 14.55 -20.27 -19.05
CA GLY A 442 14.19 -20.17 -20.48
C GLY A 442 13.43 -18.95 -20.99
N LEU A 443 13.08 -18.08 -20.06
CA LEU A 443 12.27 -16.89 -20.34
C LEU A 443 13.01 -15.88 -21.16
N THR A 444 12.26 -15.06 -21.89
CA THR A 444 12.78 -13.96 -22.68
C THR A 444 13.19 -12.86 -21.70
N PRO A 445 14.00 -11.90 -22.16
CA PRO A 445 14.02 -10.64 -21.39
C PRO A 445 12.63 -10.02 -21.25
N GLN A 446 11.83 -10.03 -22.31
CA GLN A 446 10.52 -9.36 -22.31
C GLN A 446 9.59 -9.84 -21.22
N GLN A 447 9.71 -11.11 -20.84
CA GLN A 447 8.90 -11.69 -19.79
C GLN A 447 9.46 -11.49 -18.39
N VAL A 448 10.79 -11.41 -18.28
CA VAL A 448 11.43 -11.10 -16.98
C VAL A 448 11.13 -9.66 -16.60
N VAL A 449 10.97 -8.80 -17.62
CA VAL A 449 10.72 -7.39 -17.41
C VAL A 449 9.29 -7.10 -16.98
N ALA A 450 8.35 -7.88 -17.52
CA ALA A 450 6.97 -7.85 -17.08
C ALA A 450 6.91 -8.30 -15.64
N ILE A 451 7.55 -9.42 -15.30
CA ILE A 451 7.67 -9.76 -13.86
C ILE A 451 8.28 -8.61 -12.99
N ALA A 452 9.25 -7.86 -13.50
CA ALA A 452 9.82 -6.78 -12.63
C ALA A 452 9.09 -5.44 -12.67
N SER A 453 8.18 -5.26 -13.61
CA SER A 453 7.61 -3.96 -13.69
C SER A 453 6.29 -3.73 -12.90
N ASN A 454 6.32 -4.17 -11.63
CA ASN A 454 5.25 -3.93 -10.70
C ASN A 454 5.81 -3.73 -9.28
N GLY A 455 5.05 -3.09 -8.40
CA GLY A 455 5.50 -2.96 -7.00
C GLY A 455 6.04 -4.32 -6.55
N GLY A 456 7.17 -4.31 -5.91
CA GLY A 456 7.78 -5.59 -5.47
C GLY A 456 7.96 -6.68 -6.52
N GLY A 457 8.39 -6.29 -7.71
CA GLY A 457 8.76 -7.26 -8.72
C GLY A 457 9.96 -8.06 -8.31
N LYS A 458 10.88 -7.46 -7.54
CA LYS A 458 12.03 -8.21 -7.02
C LYS A 458 11.51 -9.46 -6.33
N GLN A 459 10.51 -9.27 -5.52
CA GLN A 459 9.86 -10.39 -4.90
C GLN A 459 9.27 -11.36 -5.94
N ALA A 460 8.75 -10.84 -7.05
CA ALA A 460 8.18 -11.69 -8.09
C ALA A 460 9.26 -12.57 -8.60
N LEU A 461 10.38 -11.95 -8.90
CA LEU A 461 11.48 -12.57 -9.64
C LEU A 461 12.13 -13.65 -8.85
N GLU A 462 12.47 -13.28 -7.62
CA GLU A 462 13.16 -14.17 -6.68
C GLU A 462 12.24 -15.28 -6.26
N THR A 463 10.98 -15.19 -6.70
CA THR A 463 10.02 -16.23 -6.37
C THR A 463 9.62 -17.03 -7.62
N VAL A 464 10.11 -16.57 -8.76
CA VAL A 464 9.84 -17.19 -10.03
C VAL A 464 10.93 -18.23 -10.18
N GLN A 465 12.01 -18.00 -9.46
CA GLN A 465 13.11 -18.93 -9.47
C GLN A 465 12.85 -20.03 -8.46
N ARG A 466 12.91 -19.72 -7.17
CA ARG A 466 12.67 -20.80 -6.21
C ARG A 466 11.39 -21.60 -6.50
N LEU A 467 10.50 -21.04 -7.33
CA LEU A 467 9.19 -21.72 -7.53
C LEU A 467 8.72 -22.12 -8.94
N LEU A 468 9.41 -21.66 -10.00
CA LEU A 468 9.04 -22.04 -11.38
C LEU A 468 8.98 -23.56 -11.66
N PRO A 469 10.09 -24.30 -11.40
CA PRO A 469 10.15 -25.70 -11.83
C PRO A 469 9.15 -26.54 -11.04
N VAL A 470 8.96 -26.19 -9.78
CA VAL A 470 7.96 -26.77 -8.92
C VAL A 470 6.64 -26.76 -9.69
N LEU A 471 6.16 -25.57 -9.96
CA LEU A 471 4.86 -25.41 -10.58
C LEU A 471 4.86 -25.99 -12.02
N CYS A 472 5.98 -25.84 -12.72
CA CYS A 472 6.04 -26.13 -14.14
C CYS A 472 6.33 -27.61 -14.47
N GLN A 473 6.96 -28.32 -13.53
CA GLN A 473 7.23 -29.75 -13.72
C GLN A 473 6.49 -30.61 -12.71
N ALA A 474 6.26 -30.06 -11.51
CA ALA A 474 5.58 -30.81 -10.49
C ALA A 474 4.06 -30.67 -10.63
N HIS A 475 3.57 -29.42 -10.62
CA HIS A 475 2.13 -29.16 -10.82
C HIS A 475 1.82 -29.00 -12.32
N GLY A 476 2.89 -28.80 -13.10
CA GLY A 476 2.85 -28.85 -14.57
C GLY A 476 2.24 -27.78 -15.51
N LEU A 477 2.56 -26.49 -15.25
CA LEU A 477 2.08 -25.40 -16.14
C LEU A 477 3.18 -24.62 -16.91
N THR A 478 3.01 -24.44 -18.22
CA THR A 478 4.01 -23.77 -19.09
C THR A 478 4.58 -22.48 -18.52
N PRO A 479 5.86 -22.18 -18.81
CA PRO A 479 6.42 -20.87 -18.47
C PRO A 479 5.41 -19.75 -18.46
N GLU A 480 4.78 -19.54 -19.61
CA GLU A 480 3.82 -18.47 -19.86
C GLU A 480 2.80 -18.27 -18.72
N GLN A 481 2.23 -19.38 -18.27
CA GLN A 481 1.30 -19.40 -17.13
C GLN A 481 1.94 -18.90 -15.82
N VAL A 482 3.11 -19.42 -15.47
CA VAL A 482 3.83 -18.95 -14.28
C VAL A 482 4.05 -17.44 -14.42
N VAL A 483 4.72 -17.07 -15.52
CA VAL A 483 5.02 -15.68 -15.86
C VAL A 483 3.82 -14.73 -15.68
N ALA A 484 2.63 -15.23 -15.97
CA ALA A 484 1.43 -14.42 -15.87
C ALA A 484 0.98 -14.26 -14.42
N ILE A 485 1.11 -15.31 -13.61
CA ILE A 485 0.90 -15.17 -12.17
C ILE A 485 1.92 -14.17 -11.62
N ALA A 486 3.14 -14.18 -12.16
CA ALA A 486 4.21 -13.26 -11.77
C ALA A 486 4.04 -11.80 -12.20
N SER A 487 3.43 -11.58 -13.36
CA SER A 487 3.32 -10.23 -13.95
C SER A 487 2.34 -9.18 -13.30
N ASN A 488 1.71 -9.51 -12.16
CA ASN A 488 0.97 -8.54 -11.33
C ASN A 488 1.63 -8.17 -10.01
N ILE A 489 1.08 -7.11 -9.36
CA ILE A 489 1.53 -6.64 -8.06
C ILE A 489 1.32 -7.82 -7.10
N GLY A 490 2.21 -7.94 -6.11
CA GLY A 490 2.12 -9.04 -5.16
C GLY A 490 2.16 -10.40 -5.83
N GLY A 491 2.93 -10.47 -6.90
CA GLY A 491 3.09 -11.68 -7.72
C GLY A 491 3.98 -12.75 -7.10
N LYS A 492 4.88 -12.38 -6.18
CA LYS A 492 5.51 -13.39 -5.28
C LYS A 492 4.40 -14.12 -4.55
N GLN A 493 3.51 -13.35 -3.92
CA GLN A 493 2.38 -13.90 -3.16
C GLN A 493 1.45 -14.83 -3.96
N ALA A 494 1.15 -14.44 -5.19
CA ALA A 494 0.31 -15.23 -6.07
C ALA A 494 0.88 -16.61 -6.24
N LEU A 495 2.07 -16.68 -6.81
CA LEU A 495 2.73 -17.96 -7.06
C LEU A 495 2.79 -18.86 -5.83
N GLU A 496 3.39 -18.32 -4.77
CA GLU A 496 3.59 -19.10 -3.54
C GLU A 496 2.29 -19.41 -2.85
N THR A 497 1.18 -18.98 -3.43
CA THR A 497 -0.13 -19.44 -3.00
C THR A 497 -0.83 -20.14 -4.16
N VAL A 498 -0.06 -20.57 -5.14
CA VAL A 498 -0.56 -21.38 -6.24
C VAL A 498 0.22 -22.67 -6.15
N GLN A 499 1.42 -22.58 -5.62
CA GLN A 499 2.14 -23.79 -5.33
C GLN A 499 1.32 -24.58 -4.29
N ALA A 500 0.98 -23.91 -3.20
CA ALA A 500 0.41 -24.56 -2.02
C ALA A 500 -1.08 -24.83 -2.14
N LEU A 501 -1.79 -23.93 -2.79
CA LEU A 501 -3.24 -24.11 -2.90
C LEU A 501 -3.70 -24.64 -4.28
N LEU A 502 -2.83 -25.31 -5.03
CA LEU A 502 -3.28 -25.88 -6.31
C LEU A 502 -3.88 -27.26 -6.10
N PRO A 503 -3.16 -28.17 -5.38
CA PRO A 503 -3.63 -29.40 -4.73
C PRO A 503 -5.00 -29.52 -4.02
N VAL A 504 -5.43 -28.51 -3.25
CA VAL A 504 -6.59 -28.72 -2.36
C VAL A 504 -7.82 -28.17 -3.06
N LEU A 505 -7.57 -27.77 -4.31
CA LEU A 505 -8.56 -27.11 -5.16
C LEU A 505 -8.65 -27.80 -6.50
N CYS A 506 -7.64 -28.62 -6.83
CA CYS A 506 -7.68 -29.41 -8.07
C CYS A 506 -8.09 -30.86 -7.77
N GLN A 507 -8.03 -31.23 -6.50
CA GLN A 507 -8.30 -32.60 -6.03
C GLN A 507 -9.55 -32.71 -5.16
N ALA A 508 -9.71 -31.75 -4.24
CA ALA A 508 -10.84 -31.77 -3.32
C ALA A 508 -11.90 -30.74 -3.71
N HIS A 509 -11.58 -29.90 -4.70
CA HIS A 509 -12.56 -28.95 -5.24
C HIS A 509 -12.84 -29.12 -6.74
N GLY A 510 -12.01 -29.91 -7.40
CA GLY A 510 -12.23 -30.31 -8.80
C GLY A 510 -12.08 -29.18 -9.81
N LEU A 511 -11.41 -28.10 -9.39
CA LEU A 511 -11.06 -27.02 -10.30
C LEU A 511 -9.92 -27.49 -11.18
N THR A 512 -10.06 -27.25 -12.48
CA THR A 512 -9.02 -27.58 -13.45
C THR A 512 -7.88 -26.59 -13.29
N PRO A 513 -6.61 -27.00 -13.54
CA PRO A 513 -5.56 -26.04 -13.17
C PRO A 513 -5.58 -24.75 -14.01
N GLU A 514 -5.79 -24.88 -15.33
CA GLU A 514 -6.01 -23.72 -16.20
C GLU A 514 -6.96 -22.68 -15.56
N GLN A 515 -7.92 -23.17 -14.78
CA GLN A 515 -8.85 -22.32 -14.04
C GLN A 515 -8.16 -21.56 -12.93
N VAL A 516 -7.32 -22.27 -12.18
CA VAL A 516 -6.74 -21.72 -10.97
C VAL A 516 -5.70 -20.66 -11.35
N VAL A 517 -5.19 -20.75 -12.56
CA VAL A 517 -4.36 -19.72 -13.09
C VAL A 517 -5.16 -18.44 -13.24
N ALA A 518 -6.41 -18.56 -13.69
CA ALA A 518 -7.21 -17.41 -14.03
C ALA A 518 -7.48 -16.64 -12.79
N ILE A 519 -7.49 -17.34 -11.67
CA ILE A 519 -7.75 -16.73 -10.38
C ILE A 519 -6.50 -15.97 -9.91
N ALA A 520 -5.34 -16.53 -10.23
CA ALA A 520 -4.09 -16.07 -9.67
C ALA A 520 -3.55 -14.87 -10.41
N SER A 521 -3.98 -14.70 -11.66
CA SER A 521 -3.38 -13.72 -12.56
C SER A 521 -3.99 -12.34 -12.46
N ASN A 522 -4.64 -12.07 -11.32
CA ASN A 522 -4.98 -10.71 -10.99
C ASN A 522 -4.22 -10.11 -9.82
N ILE A 523 -4.46 -8.84 -9.55
CA ILE A 523 -3.81 -8.21 -8.48
C ILE A 523 -4.44 -8.72 -7.22
N GLY A 524 -3.60 -9.07 -6.26
CA GLY A 524 -4.06 -9.82 -5.07
C GLY A 524 -4.52 -11.27 -5.28
N GLY A 525 -4.00 -11.95 -6.30
CA GLY A 525 -4.36 -13.36 -6.55
C GLY A 525 -4.50 -14.19 -5.28
N LYS A 526 -3.47 -14.18 -4.44
CA LYS A 526 -3.42 -14.96 -3.19
C LYS A 526 -4.66 -14.74 -2.34
N GLN A 527 -5.23 -13.53 -2.39
CA GLN A 527 -6.40 -13.24 -1.56
C GLN A 527 -7.66 -13.64 -2.28
N ALA A 528 -7.52 -13.94 -3.57
CA ALA A 528 -8.62 -14.57 -4.30
C ALA A 528 -8.50 -16.06 -4.08
N LEU A 529 -7.28 -16.60 -4.25
CA LEU A 529 -7.04 -18.03 -4.15
C LEU A 529 -7.45 -18.61 -2.79
N GLU A 530 -6.95 -18.01 -1.72
CA GLU A 530 -7.41 -18.33 -0.37
C GLU A 530 -8.93 -18.25 -0.28
N THR A 531 -9.48 -17.11 -0.68
CA THR A 531 -10.93 -16.85 -0.57
C THR A 531 -11.79 -17.72 -1.51
N VAL A 532 -11.13 -18.57 -2.30
CA VAL A 532 -11.85 -19.50 -3.18
C VAL A 532 -11.91 -20.85 -2.50
N GLN A 533 -10.90 -21.14 -1.69
CA GLN A 533 -10.87 -22.43 -1.02
C GLN A 533 -11.75 -22.44 0.22
N ALA A 534 -11.97 -21.28 0.82
CA ALA A 534 -12.69 -21.22 2.08
C ALA A 534 -14.16 -20.87 1.90
N LEU A 535 -14.52 -20.39 0.71
CA LEU A 535 -15.90 -19.94 0.48
C LEU A 535 -16.55 -20.55 -0.78
N LEU A 536 -15.95 -21.66 -1.26
CA LEU A 536 -16.51 -22.45 -2.38
C LEU A 536 -17.37 -23.61 -1.90
N PRO A 537 -16.89 -24.40 -0.92
CA PRO A 537 -17.70 -25.49 -0.40
C PRO A 537 -18.73 -24.99 0.60
N VAL A 538 -18.76 -23.69 0.84
CA VAL A 538 -19.70 -23.07 1.77
C VAL A 538 -20.87 -22.43 1.02
N LEU A 539 -20.56 -21.73 -0.06
CA LEU A 539 -21.55 -20.98 -0.81
C LEU A 539 -22.22 -21.79 -1.92
N CYS A 540 -21.45 -22.66 -2.57
CA CYS A 540 -22.02 -23.61 -3.52
C CYS A 540 -23.37 -24.18 -3.02
N GLN A 541 -23.35 -24.88 -1.90
CA GLN A 541 -24.55 -25.55 -1.40
C GLN A 541 -25.49 -24.65 -0.61
N ALA A 542 -24.93 -23.70 0.15
CA ALA A 542 -25.77 -22.80 0.96
C ALA A 542 -26.44 -21.68 0.13
N HIS A 543 -25.92 -21.42 -1.09
CA HIS A 543 -26.48 -20.37 -1.95
C HIS A 543 -26.79 -20.81 -3.38
N GLY A 544 -26.50 -22.10 -3.66
CA GLY A 544 -26.85 -22.73 -4.98
C GLY A 544 -26.09 -22.26 -6.23
N LEU A 545 -24.76 -22.39 -6.19
CA LEU A 545 -23.83 -21.55 -6.99
C LEU A 545 -22.69 -22.32 -7.69
N THR A 546 -22.63 -22.19 -9.01
CA THR A 546 -21.63 -22.84 -9.88
C THR A 546 -20.19 -22.46 -9.53
N PRO A 547 -19.22 -23.38 -9.76
CA PRO A 547 -17.82 -22.96 -9.81
C PRO A 547 -17.60 -21.89 -10.88
N GLU A 548 -18.17 -22.07 -12.07
CA GLU A 548 -18.04 -21.10 -13.16
C GLU A 548 -18.76 -19.78 -12.83
N GLN A 549 -19.37 -19.78 -11.64
CA GLN A 549 -20.07 -18.62 -11.12
C GLN A 549 -19.34 -18.14 -9.87
N VAL A 550 -18.37 -18.92 -9.43
CA VAL A 550 -17.49 -18.50 -8.36
C VAL A 550 -16.28 -17.87 -9.05
N VAL A 551 -15.68 -18.62 -9.96
CA VAL A 551 -14.47 -18.18 -10.65
C VAL A 551 -14.79 -17.07 -11.65
N ALA A 552 -16.05 -16.68 -11.74
CA ALA A 552 -16.38 -15.45 -12.43
C ALA A 552 -16.25 -14.32 -11.42
N ILE A 553 -16.62 -14.61 -10.18
CA ILE A 553 -16.61 -13.60 -9.12
C ILE A 553 -15.17 -13.29 -8.61
N ALA A 554 -14.24 -14.20 -8.89
CA ALA A 554 -12.92 -14.13 -8.26
C ALA A 554 -11.75 -14.03 -9.24
N SER A 555 -12.08 -13.84 -10.52
CA SER A 555 -11.09 -13.66 -11.60
C SER A 555 -10.83 -12.20 -12.02
N HIS A 556 -11.07 -11.27 -11.07
CA HIS A 556 -10.92 -9.83 -11.27
C HIS A 556 -10.09 -9.25 -10.11
N ASP A 557 -9.55 -8.02 -10.25
CA ASP A 557 -8.77 -7.39 -9.15
C ASP A 557 -9.74 -7.20 -7.93
N GLY A 558 -9.43 -7.75 -6.75
CA GLY A 558 -10.39 -7.69 -5.61
C GLY A 558 -11.59 -8.64 -5.80
N GLY A 559 -11.26 -9.85 -6.26
CA GLY A 559 -12.18 -10.99 -6.34
C GLY A 559 -12.55 -11.54 -4.97
N LYS A 560 -11.62 -11.51 -4.00
CA LYS A 560 -11.92 -11.83 -2.59
C LYS A 560 -12.96 -10.86 -2.09
N GLN A 561 -12.89 -9.63 -2.59
CA GLN A 561 -13.80 -8.63 -2.10
C GLN A 561 -15.15 -8.70 -2.85
N ALA A 562 -15.12 -9.14 -4.10
CA ALA A 562 -16.36 -9.33 -4.81
C ALA A 562 -17.14 -10.52 -4.21
N LEU A 563 -16.41 -11.40 -3.51
CA LEU A 563 -16.94 -12.67 -3.00
C LEU A 563 -17.39 -12.56 -1.55
N GLU A 564 -16.65 -11.81 -0.76
CA GLU A 564 -17.00 -11.72 0.63
C GLU A 564 -18.25 -10.85 0.73
N THR A 565 -18.44 -10.00 -0.27
CA THR A 565 -19.61 -9.14 -0.39
C THR A 565 -20.73 -9.85 -1.17
N VAL A 566 -20.45 -11.03 -1.72
CA VAL A 566 -21.54 -11.89 -2.17
C VAL A 566 -22.23 -12.47 -0.93
N GLN A 567 -21.49 -13.23 -0.13
CA GLN A 567 -22.05 -13.85 1.05
C GLN A 567 -22.79 -12.81 1.90
N ARG A 568 -22.04 -11.86 2.43
CA ARG A 568 -22.63 -10.76 3.22
C ARG A 568 -23.94 -10.22 2.63
N LEU A 569 -24.08 -10.30 1.29
CA LEU A 569 -25.18 -9.62 0.59
C LEU A 569 -25.93 -10.39 -0.49
N LEU A 570 -25.73 -11.70 -0.62
CA LEU A 570 -26.58 -12.47 -1.56
C LEU A 570 -28.05 -12.58 -1.10
N PRO A 571 -28.32 -13.36 -0.03
CA PRO A 571 -29.71 -13.51 0.39
C PRO A 571 -30.37 -12.25 0.96
N VAL A 572 -29.56 -11.22 1.18
CA VAL A 572 -30.07 -9.89 1.53
C VAL A 572 -30.61 -9.26 0.25
N LEU A 573 -30.15 -9.78 -0.87
CA LEU A 573 -30.42 -9.16 -2.17
C LEU A 573 -31.23 -10.04 -3.12
N CYS A 574 -31.13 -11.36 -2.92
CA CYS A 574 -31.93 -12.35 -3.61
C CYS A 574 -33.45 -12.08 -3.52
N GLN A 575 -33.95 -11.88 -2.30
CA GLN A 575 -35.39 -11.73 -2.05
C GLN A 575 -35.86 -10.33 -1.71
N ALA A 576 -34.91 -9.44 -1.38
CA ALA A 576 -35.29 -8.09 -0.95
C ALA A 576 -35.74 -7.15 -2.09
N HIS A 577 -35.34 -7.44 -3.33
CA HIS A 577 -35.74 -6.63 -4.50
C HIS A 577 -35.82 -7.55 -5.70
N GLY A 578 -35.69 -8.85 -5.42
CA GLY A 578 -36.00 -9.92 -6.37
C GLY A 578 -34.84 -10.52 -7.14
N LEU A 579 -33.66 -9.94 -7.00
CA LEU A 579 -32.59 -10.25 -7.92
C LEU A 579 -32.26 -11.74 -7.93
N THR A 580 -32.33 -12.35 -9.12
CA THR A 580 -31.72 -13.67 -9.31
C THR A 580 -30.20 -13.51 -9.24
N PRO A 581 -29.52 -14.35 -8.43
CA PRO A 581 -28.07 -14.46 -8.48
C PRO A 581 -27.41 -14.30 -9.87
N GLU A 582 -28.05 -14.76 -10.93
CA GLU A 582 -27.55 -14.56 -12.29
C GLU A 582 -27.39 -13.06 -12.60
N GLN A 583 -28.01 -12.25 -11.76
CA GLN A 583 -27.84 -10.81 -11.76
C GLN A 583 -26.81 -10.44 -10.71
N VAL A 584 -26.91 -11.06 -9.53
CA VAL A 584 -26.07 -10.70 -8.39
C VAL A 584 -24.62 -11.05 -8.74
N VAL A 585 -24.42 -12.23 -9.30
CA VAL A 585 -23.15 -12.58 -9.91
C VAL A 585 -22.68 -11.54 -10.92
N ALA A 586 -23.53 -11.26 -11.91
CA ALA A 586 -23.17 -10.41 -13.05
C ALA A 586 -22.54 -9.13 -12.57
N ILE A 587 -23.01 -8.63 -11.43
CA ILE A 587 -22.45 -7.41 -10.84
C ILE A 587 -21.12 -7.68 -10.12
N ALA A 588 -21.05 -8.83 -9.48
CA ALA A 588 -19.94 -9.25 -8.68
C ALA A 588 -18.73 -9.71 -9.50
N SER A 589 -18.88 -9.71 -10.84
CA SER A 589 -17.85 -10.28 -11.73
C SER A 589 -17.14 -9.17 -12.52
N HIS A 590 -16.93 -8.06 -11.82
CA HIS A 590 -16.29 -6.87 -12.40
C HIS A 590 -15.34 -6.29 -11.35
N ASP A 591 -14.25 -5.64 -11.80
CA ASP A 591 -13.31 -4.92 -10.92
C ASP A 591 -14.13 -4.07 -9.97
N GLY A 592 -14.01 -4.35 -8.68
CA GLY A 592 -14.72 -3.57 -7.65
C GLY A 592 -16.14 -4.04 -7.51
N GLY A 593 -16.39 -5.29 -7.92
CA GLY A 593 -17.67 -5.94 -7.77
C GLY A 593 -18.27 -5.73 -6.39
N LYS A 594 -17.43 -5.87 -5.38
CA LYS A 594 -17.83 -5.67 -3.99
C LYS A 594 -18.51 -4.33 -3.77
N GLN A 595 -17.96 -3.27 -4.35
CA GLN A 595 -18.49 -1.92 -4.19
C GLN A 595 -19.80 -1.75 -4.97
N ALA A 596 -19.91 -2.44 -6.12
CA ALA A 596 -21.07 -2.25 -6.99
C ALA A 596 -22.26 -2.88 -6.29
N LEU A 597 -22.01 -4.05 -5.72
CA LEU A 597 -22.90 -4.67 -4.80
C LEU A 597 -23.35 -3.69 -3.72
N GLU A 598 -22.43 -3.23 -2.86
CA GLU A 598 -22.84 -2.40 -1.73
C GLU A 598 -23.61 -1.14 -2.19
N THR A 599 -23.23 -0.54 -3.31
CA THR A 599 -23.95 0.64 -3.72
C THR A 599 -25.34 0.29 -4.23
N VAL A 600 -25.52 -0.94 -4.72
CA VAL A 600 -26.83 -1.34 -5.24
C VAL A 600 -27.84 -1.14 -4.09
N GLN A 601 -27.60 -1.80 -2.96
CA GLN A 601 -28.46 -1.67 -1.77
C GLN A 601 -28.89 -0.24 -1.38
N ARG A 602 -27.92 0.58 -0.99
CA ARG A 602 -28.17 1.93 -0.45
C ARG A 602 -28.96 2.78 -1.45
N LEU A 603 -28.57 2.60 -2.71
CA LEU A 603 -28.93 3.50 -3.77
C LEU A 603 -29.85 2.77 -4.76
N LEU A 604 -30.60 1.77 -4.29
CA LEU A 604 -31.66 1.17 -5.14
C LEU A 604 -33.05 1.74 -4.87
N PRO A 605 -33.54 1.60 -3.62
CA PRO A 605 -34.82 2.21 -3.37
C PRO A 605 -34.84 3.69 -3.76
N VAL A 606 -33.79 4.41 -3.36
CA VAL A 606 -33.77 5.85 -3.52
C VAL A 606 -34.37 6.28 -4.86
N LEU A 607 -33.99 5.59 -5.92
CA LEU A 607 -34.35 6.09 -7.24
C LEU A 607 -35.47 5.33 -7.94
N CYS A 608 -36.21 4.54 -7.15
CA CYS A 608 -37.41 3.88 -7.65
C CYS A 608 -38.61 4.43 -6.88
N GLN A 609 -38.40 4.63 -5.58
CA GLN A 609 -39.35 5.38 -4.76
C GLN A 609 -39.47 6.79 -5.37
N ALA A 610 -38.35 7.21 -6.03
CA ALA A 610 -38.23 8.61 -6.45
C ALA A 610 -37.97 8.88 -7.94
N HIS A 611 -37.43 7.91 -8.67
CA HIS A 611 -37.26 8.06 -10.13
C HIS A 611 -37.88 6.89 -10.89
N GLY A 612 -38.24 5.85 -10.14
CA GLY A 612 -38.97 4.69 -10.67
C GLY A 612 -38.20 3.74 -11.58
N LEU A 613 -37.08 3.19 -11.07
CA LEU A 613 -36.27 2.28 -11.91
C LEU A 613 -36.25 0.83 -11.44
N THR A 614 -36.23 -0.07 -12.42
CA THR A 614 -36.45 -1.50 -12.21
C THR A 614 -35.17 -2.20 -11.88
N PRO A 615 -35.24 -3.24 -11.03
CA PRO A 615 -34.15 -4.19 -10.80
C PRO A 615 -33.37 -4.59 -12.06
N GLU A 616 -33.98 -4.45 -13.23
CA GLU A 616 -33.30 -4.75 -14.49
C GLU A 616 -32.41 -3.61 -14.97
N GLN A 617 -32.94 -2.38 -14.94
CA GLN A 617 -32.18 -1.21 -15.38
C GLN A 617 -31.00 -0.92 -14.46
N VAL A 618 -31.24 -1.04 -13.15
CA VAL A 618 -30.24 -0.69 -12.15
C VAL A 618 -29.10 -1.66 -12.24
N VAL A 619 -29.46 -2.91 -12.50
CA VAL A 619 -28.52 -3.96 -12.72
C VAL A 619 -27.65 -3.67 -13.93
N ALA A 620 -28.24 -3.08 -14.98
CA ALA A 620 -27.50 -2.85 -16.24
C ALA A 620 -26.35 -1.83 -16.17
N ILE A 621 -26.24 -1.15 -15.03
CA ILE A 621 -25.31 -0.04 -14.88
C ILE A 621 -24.27 -0.35 -13.77
N ALA A 622 -24.70 -1.18 -12.84
CA ALA A 622 -23.82 -1.70 -11.80
C ALA A 622 -22.94 -2.79 -12.38
N SER A 623 -23.30 -3.26 -13.57
CA SER A 623 -22.62 -4.35 -14.23
C SER A 623 -21.65 -3.75 -15.22
N HIS A 624 -20.56 -3.20 -14.66
CA HIS A 624 -19.46 -2.52 -15.34
C HIS A 624 -18.37 -2.19 -14.33
N ASP A 625 -17.23 -1.71 -14.84
CA ASP A 625 -16.06 -1.40 -14.00
C ASP A 625 -16.19 0.06 -13.55
N GLY A 626 -16.56 0.22 -12.28
CA GLY A 626 -16.77 1.54 -11.72
C GLY A 626 -18.24 1.72 -11.50
N GLY A 627 -18.94 0.59 -11.40
CA GLY A 627 -20.38 0.59 -11.15
C GLY A 627 -20.82 1.56 -10.06
N LYS A 628 -20.28 1.38 -8.86
CA LYS A 628 -20.56 2.27 -7.72
C LYS A 628 -20.44 3.74 -8.13
N GLN A 629 -19.56 4.05 -9.06
CA GLN A 629 -19.43 5.44 -9.43
C GLN A 629 -20.63 5.82 -10.31
N ALA A 630 -20.96 4.97 -11.27
CA ALA A 630 -22.12 5.25 -12.14
C ALA A 630 -23.41 5.50 -11.36
N LEU A 631 -23.74 4.60 -10.43
CA LEU A 631 -24.92 4.82 -9.60
C LEU A 631 -24.85 6.15 -8.82
N GLU A 632 -23.85 6.33 -7.97
CA GLU A 632 -23.92 7.57 -7.22
C GLU A 632 -23.82 8.81 -8.11
N THR A 633 -23.54 8.61 -9.41
CA THR A 633 -23.44 9.72 -10.34
C THR A 633 -24.77 9.88 -11.11
N VAL A 634 -25.56 8.81 -11.12
CA VAL A 634 -26.92 8.84 -11.68
C VAL A 634 -27.84 9.73 -10.82
N GLN A 635 -27.91 9.43 -9.53
CA GLN A 635 -28.75 10.16 -8.60
C GLN A 635 -28.50 11.67 -8.64
N ARG A 636 -27.25 12.09 -8.51
CA ARG A 636 -26.94 13.51 -8.36
C ARG A 636 -27.24 14.22 -9.66
N LEU A 637 -27.02 13.51 -10.76
CA LEU A 637 -27.23 14.11 -12.07
C LEU A 637 -28.47 13.61 -12.85
N LEU A 638 -29.44 12.99 -12.17
CA LEU A 638 -30.72 12.55 -12.81
C LEU A 638 -31.86 13.61 -12.84
N PRO A 639 -31.88 14.54 -11.86
CA PRO A 639 -32.63 15.81 -12.03
C PRO A 639 -32.00 16.86 -12.99
N VAL A 640 -30.80 17.39 -12.63
CA VAL A 640 -30.23 18.57 -13.33
C VAL A 640 -30.03 18.40 -14.85
N LEU A 641 -29.95 17.14 -15.27
CA LEU A 641 -29.83 16.81 -16.67
C LEU A 641 -31.20 16.86 -17.32
N CYS A 642 -32.22 16.57 -16.53
CA CYS A 642 -33.54 16.38 -17.09
C CYS A 642 -34.33 17.67 -17.29
N GLN A 643 -34.55 18.40 -16.21
CA GLN A 643 -35.20 19.70 -16.30
C GLN A 643 -34.30 20.76 -16.93
N ALA A 644 -33.04 20.81 -16.50
CA ALA A 644 -32.17 21.92 -16.87
C ALA A 644 -31.35 21.67 -18.14
N HIS A 645 -31.20 20.40 -18.52
CA HIS A 645 -30.49 20.10 -19.74
C HIS A 645 -31.40 19.48 -20.81
N GLY A 646 -32.44 18.77 -20.37
CA GLY A 646 -33.49 18.34 -21.28
C GLY A 646 -33.31 16.98 -21.90
N LEU A 647 -32.85 16.02 -21.10
CA LEU A 647 -32.75 14.63 -21.55
C LEU A 647 -33.91 13.87 -20.95
N THR A 648 -34.14 12.64 -21.38
CA THR A 648 -35.16 11.82 -20.76
C THR A 648 -34.52 11.18 -19.54
N PRO A 649 -35.32 10.53 -18.67
CA PRO A 649 -34.67 9.57 -17.76
C PRO A 649 -34.59 8.20 -18.43
N GLN A 650 -34.10 8.22 -19.67
CA GLN A 650 -33.89 7.02 -20.46
C GLN A 650 -32.52 7.13 -21.11
N GLN A 651 -32.21 8.34 -21.59
CA GLN A 651 -30.93 8.62 -22.21
C GLN A 651 -29.83 8.66 -21.15
N VAL A 652 -30.21 9.07 -19.94
CA VAL A 652 -29.30 9.12 -18.81
C VAL A 652 -28.93 7.72 -18.30
N VAL A 653 -29.85 6.76 -18.41
CA VAL A 653 -29.53 5.41 -17.96
C VAL A 653 -28.50 4.74 -18.85
N ALA A 654 -28.78 4.68 -20.16
CA ALA A 654 -27.88 3.96 -21.06
C ALA A 654 -26.51 4.60 -21.17
N ILE A 655 -26.40 5.88 -20.85
CA ILE A 655 -25.07 6.47 -20.81
C ILE A 655 -24.33 6.03 -19.54
N ALA A 656 -25.07 5.96 -18.44
CA ALA A 656 -24.55 5.48 -17.15
C ALA A 656 -24.05 4.05 -17.25
N SER A 657 -24.75 3.26 -18.07
CA SER A 657 -24.28 1.92 -18.39
C SER A 657 -23.08 2.15 -19.28
N ASN A 658 -22.11 1.23 -19.22
CA ASN A 658 -20.76 1.40 -19.80
C ASN A 658 -19.68 1.55 -18.67
N GLY A 659 -18.42 1.28 -19.01
CA GLY A 659 -17.35 1.64 -18.09
C GLY A 659 -17.22 3.16 -18.20
N GLY A 660 -17.09 3.82 -17.04
CA GLY A 660 -16.90 5.28 -16.99
C GLY A 660 -18.14 6.08 -17.32
N GLY A 661 -19.31 5.50 -17.10
CA GLY A 661 -20.58 6.19 -17.32
C GLY A 661 -20.82 7.30 -16.32
N LYS A 662 -19.97 7.34 -15.31
CA LYS A 662 -20.02 8.33 -14.25
C LYS A 662 -19.12 9.48 -14.69
N GLN A 663 -18.01 9.15 -15.36
CA GLN A 663 -17.26 10.11 -16.17
C GLN A 663 -18.14 10.63 -17.33
N ALA A 664 -18.77 9.73 -18.07
CA ALA A 664 -19.57 10.15 -19.22
C ALA A 664 -20.78 10.99 -18.78
N LEU A 665 -21.38 10.62 -17.64
CA LEU A 665 -22.44 11.41 -16.99
C LEU A 665 -22.10 12.88 -16.73
N GLU A 666 -20.88 13.14 -16.27
CA GLU A 666 -20.49 14.50 -15.88
C GLU A 666 -19.95 15.35 -17.03
N THR A 667 -19.47 14.67 -18.07
CA THR A 667 -19.05 15.37 -19.28
C THR A 667 -20.28 15.79 -20.09
N VAL A 668 -21.41 15.09 -19.92
CA VAL A 668 -22.67 15.51 -20.52
C VAL A 668 -23.39 16.60 -19.68
N GLN A 669 -23.00 16.73 -18.41
CA GLN A 669 -23.51 17.80 -17.56
C GLN A 669 -22.73 19.09 -17.81
N ARG A 670 -21.64 18.97 -18.57
CA ARG A 670 -20.80 20.11 -18.84
C ARG A 670 -20.79 20.49 -20.31
N LEU A 671 -20.85 19.48 -21.17
CA LEU A 671 -20.64 19.68 -22.60
C LEU A 671 -21.91 19.44 -23.44
N LEU A 672 -23.05 19.62 -22.80
CA LEU A 672 -24.34 19.55 -23.49
C LEU A 672 -24.90 20.92 -23.92
N PRO A 673 -24.71 21.98 -23.09
CA PRO A 673 -25.13 23.30 -23.58
C PRO A 673 -24.02 24.14 -24.23
N VAL A 674 -22.84 23.53 -24.47
CA VAL A 674 -21.72 24.17 -25.19
C VAL A 674 -21.74 23.69 -26.66
N LEU A 675 -22.41 22.57 -26.88
CA LEU A 675 -22.68 22.08 -28.23
C LEU A 675 -24.09 22.48 -28.68
N CYS A 676 -25.10 22.26 -27.83
CA CYS A 676 -26.47 22.56 -28.23
C CYS A 676 -26.81 24.04 -28.15
N GLN A 677 -25.91 24.81 -27.55
CA GLN A 677 -26.08 26.24 -27.44
C GLN A 677 -25.09 27.03 -28.31
N ALA A 678 -24.03 26.32 -28.77
CA ALA A 678 -23.03 26.93 -29.66
C ALA A 678 -22.33 25.94 -30.62
N ALA A 679 -23.12 25.05 -31.23
CA ALA A 679 -22.63 24.03 -32.18
C ALA A 679 -23.81 23.38 -32.88
N GLY A 680 -23.51 22.48 -33.83
CA GLY A 680 -24.57 21.86 -34.65
C GLY A 680 -25.07 20.48 -34.25
N LEU A 681 -25.66 20.36 -33.06
CA LEU A 681 -26.19 19.08 -32.55
C LEU A 681 -27.19 19.32 -31.42
N THR A 682 -28.26 18.53 -31.36
CA THR A 682 -29.26 18.66 -30.30
C THR A 682 -29.14 17.48 -29.32
N PRO A 683 -29.66 17.66 -28.09
CA PRO A 683 -29.52 16.66 -27.03
C PRO A 683 -29.48 15.23 -27.55
N GLU A 684 -30.32 14.95 -28.53
CA GLU A 684 -30.55 13.57 -28.97
C GLU A 684 -29.33 12.89 -29.59
N GLN A 685 -28.26 13.69 -29.72
CA GLN A 685 -27.07 13.25 -30.44
C GLN A 685 -25.89 13.09 -29.52
N VAL A 686 -25.66 14.12 -28.71
CA VAL A 686 -24.62 14.13 -27.69
C VAL A 686 -24.82 12.95 -26.74
N VAL A 687 -26.07 12.51 -26.63
CA VAL A 687 -26.44 11.31 -25.87
C VAL A 687 -25.73 10.10 -26.47
N ALA A 688 -25.88 9.89 -27.77
CA ALA A 688 -25.29 8.74 -28.41
C ALA A 688 -23.74 8.72 -28.41
N ILE A 689 -23.13 9.89 -28.50
CA ILE A 689 -21.67 10.02 -28.41
C ILE A 689 -21.15 9.50 -27.06
N ALA A 690 -21.90 9.86 -26.00
CA ALA A 690 -21.55 9.47 -24.65
C ALA A 690 -21.98 8.03 -24.32
N SER A 691 -22.75 7.40 -25.20
CA SER A 691 -23.17 6.03 -24.94
C SER A 691 -22.28 4.92 -25.58
N HIS A 692 -21.07 5.30 -25.98
CA HIS A 692 -19.95 4.37 -26.19
C HIS A 692 -19.21 4.13 -24.87
N ASP A 693 -18.20 3.25 -24.88
CA ASP A 693 -17.46 2.87 -23.65
C ASP A 693 -16.28 3.82 -23.29
N GLY A 694 -16.16 4.92 -24.05
CA GLY A 694 -15.26 6.04 -23.74
C GLY A 694 -15.93 7.32 -24.23
N GLY A 695 -16.61 8.01 -23.33
CA GLY A 695 -17.49 9.11 -23.73
C GLY A 695 -16.96 10.43 -23.22
N LYS A 696 -16.26 10.39 -22.09
CA LYS A 696 -15.54 11.56 -21.59
C LYS A 696 -14.54 11.92 -22.67
N GLN A 697 -13.71 10.97 -23.06
CA GLN A 697 -12.67 11.26 -24.06
C GLN A 697 -13.31 11.68 -25.40
N ALA A 698 -14.35 10.95 -25.84
CA ALA A 698 -15.05 11.22 -27.11
C ALA A 698 -16.06 12.39 -27.13
N LEU A 699 -16.11 13.18 -26.07
CA LEU A 699 -16.87 14.43 -26.05
C LEU A 699 -15.89 15.60 -26.28
N GLU A 700 -14.79 15.56 -25.52
CA GLU A 700 -13.64 16.49 -25.62
C GLU A 700 -12.80 16.27 -26.92
N THR A 701 -12.78 15.04 -27.44
CA THR A 701 -12.18 14.64 -28.74
C THR A 701 -13.12 14.99 -29.92
N VAL A 702 -14.28 15.54 -29.59
CA VAL A 702 -15.28 15.84 -30.60
C VAL A 702 -15.58 17.33 -30.69
N GLN A 703 -15.22 18.09 -29.65
CA GLN A 703 -15.46 19.54 -29.62
C GLN A 703 -14.21 20.41 -29.79
N ARG A 704 -13.04 19.84 -29.52
CA ARG A 704 -11.81 20.46 -29.98
C ARG A 704 -11.61 19.99 -31.41
N LEU A 705 -12.39 18.98 -31.79
CA LEU A 705 -12.54 18.55 -33.19
C LEU A 705 -13.70 19.23 -33.91
N LEU A 706 -14.63 19.82 -33.16
CA LEU A 706 -15.76 20.55 -33.77
C LEU A 706 -15.25 21.67 -34.68
N PRO A 707 -14.34 22.54 -34.17
CA PRO A 707 -13.52 23.36 -35.06
C PRO A 707 -13.02 22.71 -36.38
N VAL A 708 -12.44 21.49 -36.32
CA VAL A 708 -11.72 20.90 -37.49
C VAL A 708 -12.52 20.01 -38.48
N LEU A 709 -12.81 18.77 -38.09
CA LEU A 709 -13.39 17.79 -39.02
C LEU A 709 -14.88 18.07 -39.24
#